data_7V0C
#
_entry.id   7V0C
#
_cell.length_a   78.193
_cell.length_b   98.831
_cell.length_c   142.619
_cell.angle_alpha   90.000
_cell.angle_beta   90.000
_cell.angle_gamma   90.000
#
_symmetry.space_group_name_H-M   'P 21 21 21'
#
loop_
_entity.id
_entity.type
_entity.pdbx_description
1 polymer 'Cyclic GMP-AMP synthase'
2 polymer 'Palindromic DNA18'
3 non-polymer '[[(2~{R},3~{R},4~{R},5~{R})-5-(2-azanyl-6-oxidanylidene-1~{H}-purin-9-yl)-4-[[(2~{R},3~{S},4~{R},5~{R})-5-(2-azanyl-6-oxidanylidene-1~{H}-purin-9-yl)-3,4-bis(oxidanyl)oxolan-2-yl]methoxy-oxidanyl-phosphoryl]oxy-3-oxidanyl-oxolan-2-yl]methoxy-oxidanyl-phosphoryl] phosphono hydrogen phosphate'
4 non-polymer 'ZINC ION'
5 non-polymer 'MANGANESE (II) ION'
6 water water
#
loop_
_entity_poly.entity_id
_entity_poly.type
_entity_poly.pdbx_seq_one_letter_code
_entity_poly.pdbx_strand_id
1 'polypeptide(L)'
;GTGPDKLKKVLDKLRLKRKDISEAAETVNKVVERLLRRMQKRESEFKGVEQLNTGSYYEHVKISAPNEFDVMFKLEVPRI
ELQEYYETGAFYLVKFKRIPRGNPLSHFLEGEVLSATKMLSKFRKIIKEEVKEIKDIDVSVEKEKPGSPAVTLLIRNPEE
ISVDIILALESKGSWPISTKEGLPIQGWLGTKVRTNLRREPFYLVPKNAKDGNSFQGETWRLSFSHTEKYILNNHGIEKT
CCESSGAKCCRKECLKLMKYLLEQLKKEFQELDAFCSYHVKTAIFHMWTQDPQDSQWDPRNLSSCFDKLLAFFLECLRTE
KLDHYFIPKFNLFSQELIDRKSKEFLSKKIEYERNNGFPIFDKL
;
A,C
2 'polydeoxyribonucleotide' (DA)(DT)(DC)(DT)(DG)(DT)(DA)(DC)(DA)(DT)(DG)(DT)(DA)(DC)(DA)(DG)(DA)(DT) E,F,I,J
#
# COMPACT_ATOMS: atom_id res chain seq x y z
N LYS A 6 -18.77 27.76 -14.12
CA LYS A 6 -20.19 27.37 -13.84
C LYS A 6 -20.26 26.28 -12.79
N LEU A 7 -19.87 25.06 -13.17
CA LEU A 7 -19.71 23.97 -12.21
C LEU A 7 -18.56 24.26 -11.26
N LYS A 8 -17.56 25.00 -11.74
CA LYS A 8 -16.46 25.45 -10.90
C LYS A 8 -16.93 26.41 -9.82
N LYS A 9 -17.86 27.31 -10.17
CA LYS A 9 -18.45 28.25 -9.20
C LYS A 9 -19.33 27.54 -8.15
N VAL A 10 -19.96 26.43 -8.53
CA VAL A 10 -20.74 25.61 -7.61
C VAL A 10 -19.83 24.95 -6.57
N LEU A 11 -18.73 24.35 -7.03
CA LEU A 11 -17.72 23.76 -6.17
C LEU A 11 -17.10 24.76 -5.20
N ASP A 12 -16.92 26.01 -5.65
CA ASP A 12 -16.52 27.11 -4.77
C ASP A 12 -17.46 27.24 -3.57
N LYS A 13 -18.76 27.26 -3.84
CA LYS A 13 -19.78 27.32 -2.80
C LYS A 13 -19.70 26.09 -1.88
N LEU A 14 -19.59 24.90 -2.47
CA LEU A 14 -19.56 23.63 -1.75
C LEU A 14 -18.34 23.43 -0.86
N ARG A 15 -17.25 24.10 -1.21
CA ARG A 15 -15.95 24.05 -0.48
C ARG A 15 -16.15 24.44 0.98
N LEU A 16 -15.71 23.57 1.90
CA LEU A 16 -15.66 23.86 3.33
C LEU A 16 -14.61 24.92 3.64
N LYS A 17 -14.84 25.66 4.73
CA LYS A 17 -13.94 26.73 5.15
C LYS A 17 -13.15 26.29 6.36
N ARG A 18 -11.84 26.56 6.33
CA ARG A 18 -10.85 26.17 7.37
C ARG A 18 -11.37 26.61 8.75
N LYS A 19 -11.98 27.79 8.85
CA LYS A 19 -12.51 28.31 10.10
C LYS A 19 -13.58 27.39 10.68
N ASP A 20 -14.56 27.03 9.84
CA ASP A 20 -15.67 26.14 10.22
C ASP A 20 -15.16 24.72 10.52
N ILE A 21 -14.21 24.24 9.71
CA ILE A 21 -13.58 22.96 9.92
C ILE A 21 -12.97 22.84 11.33
N SER A 22 -12.14 23.81 11.74
CA SER A 22 -11.43 23.74 13.03
C SER A 22 -12.38 23.88 14.22
N GLU A 23 -13.36 24.78 14.11
CA GLU A 23 -14.40 24.93 15.13
C GLU A 23 -15.25 23.66 15.30
N ALA A 24 -15.65 23.05 14.19
CA ALA A 24 -16.40 21.80 14.20
C ALA A 24 -15.57 20.64 14.76
N ALA A 25 -14.37 20.46 14.20
CA ALA A 25 -13.47 19.35 14.57
C ALA A 25 -13.04 19.34 16.03
N GLU A 26 -12.78 20.53 16.59
CA GLU A 26 -12.27 20.63 17.96
C GLU A 26 -13.33 20.13 18.95
N THR A 27 -14.59 20.46 18.66
CA THR A 27 -15.73 20.05 19.48
C THR A 27 -16.08 18.57 19.29
N VAL A 28 -16.06 18.10 18.03
CA VAL A 28 -16.35 16.71 17.70
C VAL A 28 -15.33 15.80 18.35
N ASN A 29 -14.05 16.18 18.27
CA ASN A 29 -12.97 15.36 18.82
C ASN A 29 -13.04 15.21 20.34
N LYS A 30 -13.37 16.30 21.04
CA LYS A 30 -13.60 16.28 22.48
C LYS A 30 -14.65 15.23 22.89
N VAL A 31 -15.79 15.24 22.20
CA VAL A 31 -16.90 14.36 22.52
C VAL A 31 -16.59 12.89 22.20
N VAL A 32 -16.02 12.66 21.01
CA VAL A 32 -15.63 11.31 20.58
C VAL A 32 -14.55 10.72 21.49
N GLU A 33 -13.50 11.53 21.75
CA GLU A 33 -12.42 11.20 22.66
C GLU A 33 -12.98 10.69 24.00
N ARG A 34 -13.92 11.45 24.56
CA ARG A 34 -14.54 11.21 25.89
C ARG A 34 -15.40 9.95 25.84
N LEU A 35 -16.23 9.79 24.80
CA LEU A 35 -17.05 8.61 24.65
C LEU A 35 -16.20 7.35 24.51
N LEU A 36 -15.12 7.45 23.74
CA LEU A 36 -14.22 6.33 23.49
C LEU A 36 -13.57 5.83 24.80
N ARG A 37 -13.09 6.76 25.62
CA ARG A 37 -12.42 6.43 26.91
C ARG A 37 -13.42 5.71 27.83
N ARG A 38 -14.66 6.19 27.90
CA ARG A 38 -15.75 5.58 28.73
C ARG A 38 -15.96 4.12 28.33
N MET A 39 -15.83 3.78 27.03
CA MET A 39 -16.05 2.41 26.58
C MET A 39 -15.02 1.41 27.17
N GLN A 40 -13.76 1.86 27.37
CA GLN A 40 -12.72 1.02 27.97
C GLN A 40 -12.55 1.29 29.45
N LYS A 41 -13.58 0.96 30.24
CA LYS A 41 -13.65 1.31 31.65
C LYS A 41 -14.36 0.22 32.43
N ARG A 42 -14.37 0.39 33.76
CA ARG A 42 -15.04 -0.47 34.79
C ARG A 42 -15.75 -1.66 34.15
N GLU A 43 -15.00 -2.70 33.77
CA GLU A 43 -15.51 -3.90 33.08
C GLU A 43 -16.77 -3.70 32.19
N SER A 44 -16.69 -2.70 31.31
CA SER A 44 -17.68 -2.46 30.26
C SER A 44 -17.46 -3.51 29.15
N GLU A 45 -18.56 -3.96 28.54
CA GLU A 45 -18.54 -5.02 27.52
C GLU A 45 -17.84 -4.61 26.23
N PHE A 46 -17.57 -3.32 26.08
CA PHE A 46 -16.96 -2.75 24.91
C PHE A 46 -15.53 -2.31 25.13
N LYS A 47 -14.91 -2.76 26.23
CA LYS A 47 -13.49 -2.54 26.46
C LYS A 47 -12.73 -3.15 25.29
N GLY A 48 -11.71 -2.43 24.81
CA GLY A 48 -10.93 -2.82 23.63
C GLY A 48 -11.39 -2.24 22.31
N VAL A 49 -12.59 -1.64 22.30
CA VAL A 49 -13.17 -1.02 21.12
C VAL A 49 -12.22 0.07 20.63
N GLU A 50 -12.05 0.18 19.31
CA GLU A 50 -11.13 1.14 18.68
C GLU A 50 -11.87 2.09 17.74
N GLN A 51 -11.28 3.28 17.53
CA GLN A 51 -11.89 4.33 16.73
C GLN A 51 -11.43 4.26 15.29
N LEU A 52 -12.37 4.44 14.37
CA LEU A 52 -12.08 4.53 12.96
C LEU A 52 -13.00 5.56 12.32
N ASN A 53 -12.40 6.66 11.86
CA ASN A 53 -13.14 7.75 11.24
C ASN A 53 -13.47 7.41 9.80
N THR A 54 -14.75 7.60 9.44
CA THR A 54 -15.27 7.20 8.14
C THR A 54 -16.18 8.27 7.55
N GLY A 55 -16.56 8.06 6.30
CA GLY A 55 -17.53 8.93 5.64
C GLY A 55 -16.93 10.14 4.99
N SER A 56 -17.81 11.03 4.53
CA SER A 56 -17.46 12.08 3.58
C SER A 56 -16.41 13.04 4.11
N TYR A 57 -16.52 13.44 5.38
CA TYR A 57 -15.60 14.44 5.98
C TYR A 57 -14.15 13.93 5.91
N TYR A 58 -13.94 12.65 6.22
CA TYR A 58 -12.60 12.00 6.30
C TYR A 58 -12.16 11.51 4.92
N GLU A 59 -13.08 11.49 3.95
CA GLU A 59 -12.76 11.23 2.55
C GLU A 59 -12.53 12.55 1.77
N HIS A 60 -12.77 13.68 2.42
CA HIS A 60 -12.69 15.02 1.81
C HIS A 60 -13.66 15.19 0.66
N VAL A 61 -14.86 14.63 0.81
CA VAL A 61 -15.96 14.89 -0.13
C VAL A 61 -17.21 15.43 0.59
N LYS A 62 -17.04 15.95 1.81
CA LYS A 62 -18.12 16.59 2.54
C LYS A 62 -18.34 17.94 1.89
N ILE A 63 -19.60 18.27 1.60
CA ILE A 63 -19.95 19.52 0.93
C ILE A 63 -20.74 20.48 1.80
N SER A 64 -20.65 21.78 1.45
CA SER A 64 -21.43 22.87 2.03
C SER A 64 -20.99 23.34 3.43
N ALA A 65 -21.01 22.41 4.41
CA ALA A 65 -20.61 22.69 5.79
C ALA A 65 -20.04 21.43 6.44
N PRO A 66 -19.15 21.57 7.45
CA PRO A 66 -18.69 20.44 8.25
C PRO A 66 -19.67 20.15 9.39
N ASN A 67 -20.83 19.59 9.05
CA ASN A 67 -21.95 19.45 10.00
C ASN A 67 -22.45 18.00 10.19
N GLU A 68 -21.72 17.04 9.63
CA GLU A 68 -22.09 15.63 9.78
C GLU A 68 -20.81 14.79 9.69
N PHE A 69 -20.53 14.05 10.76
CA PHE A 69 -19.31 13.27 10.96
C PHE A 69 -19.69 11.83 11.24
N ASP A 70 -18.90 10.88 10.73
CA ASP A 70 -19.17 9.46 10.96
C ASP A 70 -17.95 8.80 11.59
N VAL A 71 -18.17 8.11 12.71
CA VAL A 71 -17.12 7.41 13.44
C VAL A 71 -17.56 5.99 13.75
N MET A 72 -16.66 5.05 13.49
CA MET A 72 -16.91 3.64 13.74
C MET A 72 -16.18 3.30 15.05
N PHE A 73 -16.94 2.76 16.02
CA PHE A 73 -16.37 2.18 17.23
C PHE A 73 -16.33 0.69 16.97
N LYS A 74 -15.17 0.19 16.54
CA LYS A 74 -15.00 -1.17 16.07
C LYS A 74 -14.44 -2.05 17.20
N LEU A 75 -14.99 -3.27 17.33
CA LEU A 75 -14.61 -4.21 18.37
C LEU A 75 -14.19 -5.53 17.76
N GLU A 76 -12.96 -5.97 18.04
CA GLU A 76 -12.46 -7.25 17.55
C GLU A 76 -13.13 -8.41 18.29
N VAL A 77 -13.68 -9.35 17.52
CA VAL A 77 -14.38 -10.53 18.01
C VAL A 77 -13.87 -11.77 17.30
N PRO A 78 -12.93 -12.55 17.89
CA PRO A 78 -12.41 -13.75 17.24
C PRO A 78 -13.49 -14.84 17.13
N ARG A 79 -13.15 -16.00 16.55
CA ARG A 79 -13.92 -17.27 16.68
C ARG A 79 -15.38 -17.10 16.28
N ILE A 80 -15.70 -16.17 15.35
CA ILE A 80 -17.10 -16.00 14.92
C ILE A 80 -17.34 -16.79 13.65
N GLU A 81 -18.53 -17.37 13.53
CA GLU A 81 -19.02 -17.96 12.29
C GLU A 81 -20.26 -17.21 11.82
N LEU A 82 -20.37 -17.01 10.50
CA LEU A 82 -21.44 -16.25 9.88
C LEU A 82 -22.39 -17.21 9.18
N GLN A 83 -23.68 -16.91 9.26
CA GLN A 83 -24.69 -17.54 8.43
C GLN A 83 -25.32 -16.44 7.62
N GLU A 84 -25.35 -16.60 6.29
CA GLU A 84 -25.95 -15.62 5.41
C GLU A 84 -27.45 -15.69 5.56
N TYR A 85 -28.06 -14.52 5.76
CA TYR A 85 -29.53 -14.35 5.98
C TYR A 85 -30.23 -14.37 4.61
N TYR A 86 -30.80 -15.52 4.24
CA TYR A 86 -31.67 -15.73 3.05
C TYR A 86 -31.01 -15.17 1.78
N GLU A 87 -29.75 -15.53 1.54
CA GLU A 87 -29.05 -15.21 0.30
C GLU A 87 -29.02 -13.70 -0.10
N THR A 88 -29.24 -12.82 0.87
CA THR A 88 -29.27 -11.38 0.63
C THR A 88 -27.91 -10.79 0.29
N GLY A 89 -26.84 -11.49 0.70
CA GLY A 89 -25.48 -11.11 0.38
C GLY A 89 -24.84 -10.23 1.41
N ALA A 90 -25.63 -9.30 1.96
CA ALA A 90 -25.15 -8.26 2.85
C ALA A 90 -25.53 -8.46 4.32
N PHE A 91 -26.51 -9.32 4.59
CA PHE A 91 -27.01 -9.55 5.95
C PHE A 91 -26.66 -10.95 6.43
N TYR A 92 -26.30 -11.04 7.72
CA TYR A 92 -25.76 -12.25 8.38
C TYR A 92 -26.23 -12.34 9.83
N LEU A 93 -26.36 -13.58 10.34
CA LEU A 93 -26.38 -13.87 11.77
C LEU A 93 -24.94 -14.17 12.18
N VAL A 94 -24.58 -13.72 13.39
CA VAL A 94 -23.27 -13.97 14.00
C VAL A 94 -23.39 -14.99 15.12
N LYS A 95 -22.40 -15.87 15.24
CA LYS A 95 -22.40 -16.98 16.22
C LYS A 95 -21.02 -17.23 16.81
N PHE A 96 -21.01 -17.79 18.03
CA PHE A 96 -19.81 -18.26 18.72
C PHE A 96 -19.90 -19.76 19.00
N ASN A 103 -16.36 -14.39 28.52
CA ASN A 103 -16.68 -13.58 27.35
C ASN A 103 -17.42 -12.31 27.73
N PRO A 104 -16.83 -11.11 27.54
CA PRO A 104 -17.50 -9.84 27.83
C PRO A 104 -18.91 -9.77 27.21
N LEU A 105 -19.06 -10.29 26.00
CA LEU A 105 -20.27 -10.18 25.20
C LEU A 105 -21.37 -11.18 25.53
N SER A 106 -21.18 -11.97 26.59
CA SER A 106 -22.07 -13.05 26.96
C SER A 106 -23.51 -12.60 27.22
N HIS A 107 -23.67 -11.37 27.70
CA HIS A 107 -24.99 -10.83 28.04
C HIS A 107 -25.87 -10.57 26.80
N PHE A 108 -25.25 -10.50 25.62
CA PHE A 108 -25.95 -10.22 24.36
C PHE A 108 -26.25 -11.45 23.52
N LEU A 109 -25.99 -12.64 24.07
CA LEU A 109 -26.13 -13.91 23.36
C LEU A 109 -27.49 -14.52 23.65
N GLU A 110 -27.89 -15.45 22.79
CA GLU A 110 -29.08 -16.27 22.99
C GLU A 110 -28.96 -17.52 22.12
N GLY A 111 -28.58 -18.63 22.75
CA GLY A 111 -28.31 -19.87 22.07
C GLY A 111 -27.23 -19.67 21.00
N GLU A 112 -26.12 -19.05 21.41
CA GLU A 112 -24.93 -18.88 20.58
C GLU A 112 -25.00 -17.73 19.56
N VAL A 113 -26.20 -17.17 19.37
CA VAL A 113 -26.47 -16.12 18.37
C VAL A 113 -26.36 -14.73 19.00
N LEU A 114 -25.47 -13.90 18.45
CA LEU A 114 -25.22 -12.56 18.96
C LEU A 114 -26.30 -11.59 18.49
N SER A 115 -27.11 -11.09 19.43
CA SER A 115 -28.16 -10.12 19.19
C SER A 115 -27.62 -8.71 18.96
N ALA A 116 -27.78 -8.23 17.72
CA ALA A 116 -27.46 -6.86 17.34
C ALA A 116 -28.18 -5.82 18.21
N THR A 117 -29.49 -5.99 18.38
CA THR A 117 -30.32 -5.01 19.09
C THR A 117 -29.98 -4.93 20.58
N LYS A 118 -29.74 -6.09 21.22
CA LYS A 118 -29.29 -6.12 22.61
C LYS A 118 -27.95 -5.40 22.78
N MET A 119 -27.00 -5.70 21.89
CA MET A 119 -25.68 -5.07 21.95
C MET A 119 -25.78 -3.56 21.68
N LEU A 120 -26.54 -3.17 20.64
CA LEU A 120 -26.76 -1.78 20.28
C LEU A 120 -27.45 -1.00 21.41
N SER A 121 -28.37 -1.66 22.12
CA SER A 121 -29.08 -1.04 23.23
C SER A 121 -28.12 -0.64 24.36
N LYS A 122 -27.24 -1.57 24.76
CA LYS A 122 -26.30 -1.31 25.85
C LYS A 122 -25.32 -0.23 25.42
N PHE A 123 -24.77 -0.38 24.21
CA PHE A 123 -23.90 0.61 23.59
C PHE A 123 -24.53 1.98 23.69
N ARG A 124 -25.79 2.06 23.25
CA ARG A 124 -26.61 3.30 23.24
C ARG A 124 -26.81 3.80 24.68
N LYS A 125 -27.19 2.91 25.60
CA LYS A 125 -27.43 3.27 27.01
C LYS A 125 -26.19 3.94 27.63
N ILE A 126 -25.01 3.36 27.36
CA ILE A 126 -23.76 3.86 27.89
C ILE A 126 -23.47 5.25 27.35
N ILE A 127 -23.55 5.39 26.02
CA ILE A 127 -23.31 6.69 25.39
C ILE A 127 -24.22 7.77 25.98
N LYS A 128 -25.51 7.47 26.15
CA LYS A 128 -26.48 8.42 26.67
C LYS A 128 -26.10 8.89 28.05
N GLU A 129 -25.67 7.94 28.89
CA GLU A 129 -25.20 8.21 30.24
C GLU A 129 -24.00 9.14 30.21
N GLU A 130 -23.04 8.85 29.34
CA GLU A 130 -21.83 9.66 29.24
C GLU A 130 -22.10 11.09 28.73
N VAL A 131 -23.04 11.23 27.79
CA VAL A 131 -23.44 12.53 27.25
C VAL A 131 -24.08 13.44 28.31
N LYS A 132 -24.82 12.84 29.26
CA LYS A 132 -25.39 13.55 30.40
C LYS A 132 -24.33 14.26 31.26
N GLU A 133 -23.14 13.64 31.37
CA GLU A 133 -22.04 14.16 32.19
C GLU A 133 -21.17 15.22 31.48
N ILE A 134 -21.56 15.62 30.27
CA ILE A 134 -20.89 16.70 29.55
C ILE A 134 -21.66 18.00 29.75
N LYS A 135 -21.04 18.97 30.45
CA LYS A 135 -21.67 20.27 30.74
C LYS A 135 -20.94 21.52 30.22
N ASP A 136 -19.95 21.36 29.33
CA ASP A 136 -19.29 22.50 28.67
C ASP A 136 -19.63 22.56 27.17
N ILE A 137 -20.46 21.63 26.71
CA ILE A 137 -20.91 21.53 25.34
C ILE A 137 -22.41 21.26 25.39
N ASP A 138 -23.13 21.88 24.41
CA ASP A 138 -24.54 21.62 24.18
C ASP A 138 -24.62 20.43 23.22
N VAL A 139 -24.86 19.23 23.76
CA VAL A 139 -24.90 18.00 22.98
C VAL A 139 -25.89 17.00 23.58
N SER A 140 -26.78 16.47 22.73
CA SER A 140 -27.77 15.46 23.13
C SER A 140 -27.69 14.24 22.22
N VAL A 141 -28.45 13.19 22.57
CA VAL A 141 -28.56 12.00 21.77
C VAL A 141 -29.90 12.00 21.05
N GLU A 142 -29.85 11.87 19.72
CA GLU A 142 -31.03 11.90 18.88
C GLU A 142 -31.87 10.65 19.15
N LYS A 143 -33.20 10.82 19.09
CA LYS A 143 -34.14 9.71 19.11
C LYS A 143 -33.74 8.63 18.10
N GLU A 144 -33.75 7.36 18.55
CA GLU A 144 -33.38 6.22 17.70
C GLU A 144 -34.29 6.13 16.50
N LYS A 145 -33.71 6.21 15.31
CA LYS A 145 -34.36 5.92 14.06
C LYS A 145 -34.25 4.43 13.81
N PRO A 146 -35.36 3.71 13.55
CA PRO A 146 -35.29 2.30 13.14
C PRO A 146 -34.54 2.15 11.81
N GLY A 147 -33.89 0.99 11.63
CA GLY A 147 -33.07 0.73 10.45
C GLY A 147 -31.80 1.53 10.43
N SER A 148 -31.36 2.05 11.59
CA SER A 148 -30.10 2.77 11.69
C SER A 148 -29.17 2.06 12.66
N PRO A 149 -27.91 1.78 12.27
CA PRO A 149 -26.92 1.19 13.17
C PRO A 149 -26.28 2.22 14.13
N ALA A 150 -26.68 3.49 14.00
CA ALA A 150 -25.94 4.60 14.60
C ALA A 150 -26.58 5.08 15.88
N VAL A 151 -25.74 5.60 16.78
CA VAL A 151 -26.17 6.45 17.85
C VAL A 151 -25.76 7.85 17.43
N THR A 152 -26.74 8.70 17.12
CA THR A 152 -26.49 10.01 16.57
C THR A 152 -26.50 11.06 17.65
N LEU A 153 -25.44 11.88 17.68
CA LEU A 153 -25.28 13.00 18.59
C LEU A 153 -25.61 14.29 17.85
N LEU A 154 -26.37 15.18 18.51
CA LEU A 154 -26.68 16.50 18.02
C LEU A 154 -25.95 17.52 18.86
N ILE A 155 -24.94 18.17 18.26
CA ILE A 155 -24.19 19.25 18.90
C ILE A 155 -24.66 20.59 18.35
N ARG A 156 -24.57 21.62 19.19
CA ARG A 156 -24.85 23.04 18.83
C ARG A 156 -23.73 23.92 19.37
N ASN A 157 -22.92 24.53 18.49
CA ASN A 157 -21.94 25.57 18.87
C ASN A 157 -22.06 26.85 18.03
N PRO A 158 -21.29 27.05 16.93
CA PRO A 158 -21.73 27.97 15.88
C PRO A 158 -22.94 27.45 15.07
N GLU A 159 -23.26 26.15 15.19
CA GLU A 159 -24.00 25.45 14.15
C GLU A 159 -24.45 24.09 14.64
N GLU A 160 -25.55 23.58 14.07
CA GLU A 160 -25.98 22.20 14.25
C GLU A 160 -24.97 21.24 13.60
N ILE A 161 -24.47 20.27 14.39
CA ILE A 161 -23.51 19.27 13.93
C ILE A 161 -23.96 17.88 14.38
N SER A 162 -24.12 16.97 13.41
CA SER A 162 -24.46 15.58 13.66
C SER A 162 -23.21 14.70 13.71
N VAL A 163 -23.17 13.79 14.67
CA VAL A 163 -22.15 12.74 14.72
C VAL A 163 -22.84 11.37 14.86
N ASP A 164 -22.62 10.50 13.89
CA ASP A 164 -23.07 9.12 13.96
C ASP A 164 -21.94 8.27 14.55
N ILE A 165 -22.22 7.67 15.71
CA ILE A 165 -21.32 6.68 16.32
C ILE A 165 -21.86 5.32 15.95
N ILE A 166 -21.08 4.60 15.14
CA ILE A 166 -21.50 3.35 14.53
C ILE A 166 -20.75 2.19 15.16
N LEU A 167 -21.49 1.36 15.90
CA LEU A 167 -20.99 0.12 16.49
C LEU A 167 -20.67 -0.86 15.37
N ALA A 168 -19.48 -1.47 15.45
CA ALA A 168 -19.05 -2.45 14.45
C ALA A 168 -18.31 -3.60 15.11
N LEU A 169 -18.67 -4.82 14.71
CA LEU A 169 -17.84 -6.00 14.93
C LEU A 169 -16.74 -6.01 13.89
N GLU A 170 -15.51 -6.25 14.33
CA GLU A 170 -14.35 -6.42 13.45
C GLU A 170 -13.97 -7.90 13.37
N SER A 171 -14.04 -8.47 12.16
CA SER A 171 -13.49 -9.81 11.91
C SER A 171 -12.26 -9.75 11.02
N LYS A 172 -11.24 -10.53 11.37
CA LYS A 172 -9.95 -10.50 10.70
C LYS A 172 -9.76 -11.60 9.66
N GLY A 173 -10.71 -12.54 9.61
CA GLY A 173 -10.70 -13.61 8.62
C GLY A 173 -11.01 -13.10 7.23
N SER A 174 -10.93 -14.01 6.27
CA SER A 174 -11.22 -13.71 4.88
C SER A 174 -12.66 -13.25 4.75
N TRP A 175 -12.88 -12.35 3.78
CA TRP A 175 -14.16 -11.72 3.57
C TRP A 175 -15.19 -12.77 3.16
N PRO A 176 -16.49 -12.54 3.42
CA PRO A 176 -17.52 -13.55 3.10
C PRO A 176 -17.64 -13.78 1.60
N ILE A 177 -18.02 -15.00 1.22
CA ILE A 177 -18.03 -15.47 -0.16
C ILE A 177 -18.85 -14.58 -1.10
N SER A 178 -19.85 -13.88 -0.55
CA SER A 178 -20.69 -12.98 -1.31
C SER A 178 -19.92 -11.79 -1.90
N THR A 179 -18.71 -11.54 -1.39
CA THR A 179 -17.84 -10.46 -1.86
C THR A 179 -16.75 -10.93 -2.79
N LYS A 180 -16.68 -12.23 -3.05
CA LYS A 180 -15.60 -12.83 -3.85
C LYS A 180 -15.44 -12.12 -5.20
N GLU A 181 -16.58 -11.80 -5.84
CA GLU A 181 -16.62 -11.19 -7.16
C GLU A 181 -16.83 -9.68 -7.14
N GLY A 182 -16.84 -9.09 -5.93
CA GLY A 182 -16.97 -7.66 -5.73
C GLY A 182 -15.62 -6.97 -5.78
N LEU A 183 -15.64 -5.66 -5.55
CA LEU A 183 -14.43 -4.82 -5.58
C LEU A 183 -13.65 -5.06 -6.87
N PRO A 184 -14.28 -4.82 -8.04
CA PRO A 184 -13.68 -5.14 -9.34
C PRO A 184 -12.69 -4.05 -9.80
N ILE A 185 -11.64 -3.85 -9.01
CA ILE A 185 -10.66 -2.77 -9.20
C ILE A 185 -9.41 -3.18 -9.99
N GLN A 186 -9.39 -4.42 -10.49
CA GLN A 186 -8.23 -5.03 -11.16
C GLN A 186 -7.66 -4.20 -12.30
N GLY A 187 -8.53 -3.60 -13.11
CA GLY A 187 -8.14 -2.82 -14.27
C GLY A 187 -7.91 -1.36 -13.96
N TRP A 188 -8.11 -0.98 -12.70
CA TRP A 188 -8.10 0.41 -12.25
C TRP A 188 -7.01 0.63 -11.18
N LEU A 189 -7.22 0.07 -9.98
CA LEU A 189 -6.25 0.12 -8.91
C LEU A 189 -5.32 -1.11 -8.87
N GLY A 190 -5.76 -2.21 -9.50
CA GLY A 190 -4.91 -3.37 -9.74
C GLY A 190 -5.06 -4.53 -8.77
N THR A 191 -4.43 -5.67 -9.11
CA THR A 191 -4.52 -6.90 -8.35
C THR A 191 -3.81 -6.87 -7.00
N LYS A 192 -2.65 -6.20 -6.91
CA LYS A 192 -1.96 -6.05 -5.64
C LYS A 192 -2.74 -5.19 -4.63
N VAL A 193 -3.30 -4.06 -5.08
CA VAL A 193 -4.15 -3.25 -4.22
C VAL A 193 -5.36 -4.07 -3.70
N ARG A 194 -6.04 -4.77 -4.62
CA ARG A 194 -7.21 -5.64 -4.27
C ARG A 194 -6.81 -6.70 -3.24
N THR A 195 -5.73 -7.45 -3.47
CA THR A 195 -5.32 -8.49 -2.54
C THR A 195 -5.04 -7.91 -1.14
N ASN A 196 -4.36 -6.76 -1.10
CA ASN A 196 -4.04 -6.10 0.17
C ASN A 196 -5.29 -5.61 0.87
N LEU A 197 -6.17 -4.94 0.13
CA LEU A 197 -7.44 -4.48 0.70
C LEU A 197 -8.24 -5.64 1.31
N ARG A 198 -8.23 -6.80 0.66
CA ARG A 198 -9.04 -7.98 1.08
C ARG A 198 -8.36 -8.70 2.24
N ARG A 199 -7.13 -8.32 2.57
CA ARG A 199 -6.39 -8.80 3.77
C ARG A 199 -6.74 -7.95 4.99
N GLU A 200 -7.30 -6.76 4.80
CA GLU A 200 -7.80 -5.94 5.91
C GLU A 200 -9.01 -6.64 6.51
N PRO A 201 -9.39 -6.33 7.77
CA PRO A 201 -10.60 -6.89 8.36
C PRO A 201 -11.88 -6.48 7.62
N PHE A 202 -12.96 -7.23 7.81
CA PHE A 202 -14.30 -6.77 7.41
C PHE A 202 -15.09 -6.44 8.68
N TYR A 203 -16.18 -5.69 8.52
CA TYR A 203 -16.97 -5.12 9.65
C TYR A 203 -18.45 -5.46 9.49
N LEU A 204 -19.13 -5.61 10.62
CA LEU A 204 -20.54 -5.91 10.68
C LEU A 204 -21.17 -4.89 11.61
N VAL A 205 -22.18 -4.18 11.10
CA VAL A 205 -22.91 -3.20 11.88
C VAL A 205 -24.31 -3.74 12.10
N PRO A 206 -25.01 -3.38 13.20
CA PRO A 206 -26.38 -3.84 13.42
C PRO A 206 -27.37 -3.32 12.38
N LYS A 207 -28.06 -4.21 11.65
CA LYS A 207 -29.16 -3.83 10.77
C LYS A 207 -30.25 -2.99 11.46
N ASN A 208 -30.89 -3.58 12.49
CA ASN A 208 -31.76 -2.88 13.43
C ASN A 208 -33.00 -2.23 12.82
N ALA A 209 -33.86 -3.06 12.20
CA ALA A 209 -35.15 -2.62 11.67
C ALA A 209 -36.22 -3.22 12.54
N LYS A 210 -37.45 -2.73 12.39
CA LYS A 210 -38.63 -3.32 13.04
C LYS A 210 -39.63 -3.71 11.94
N ASP A 211 -39.14 -4.43 10.93
CA ASP A 211 -39.92 -4.84 9.77
C ASP A 211 -40.73 -6.14 10.00
N GLY A 212 -40.89 -6.52 11.28
CA GLY A 212 -41.56 -7.74 11.68
C GLY A 212 -41.08 -9.05 11.06
N ASN A 213 -39.78 -9.12 10.71
CA ASN A 213 -39.20 -10.31 10.10
C ASN A 213 -38.46 -11.17 11.10
N SER A 214 -38.23 -12.43 10.71
CA SER A 214 -37.50 -13.40 11.52
C SER A 214 -36.03 -12.99 11.64
N PHE A 215 -35.47 -13.20 12.84
CA PHE A 215 -34.07 -12.87 13.18
C PHE A 215 -33.78 -11.37 13.07
N GLN A 216 -34.84 -10.56 13.13
CA GLN A 216 -34.78 -9.12 12.93
C GLN A 216 -33.71 -8.45 13.80
N GLY A 217 -33.79 -8.71 15.11
CA GLY A 217 -32.91 -8.10 16.08
C GLY A 217 -31.55 -8.75 16.22
N GLU A 218 -31.33 -9.87 15.54
CA GLU A 218 -30.05 -10.57 15.53
C GLU A 218 -29.29 -10.46 14.20
N THR A 219 -29.83 -9.67 13.27
CA THR A 219 -29.22 -9.49 11.93
C THR A 219 -28.15 -8.39 11.97
N TRP A 220 -27.02 -8.64 11.31
CA TRP A 220 -25.98 -7.61 11.11
C TRP A 220 -25.80 -7.40 9.61
N ARG A 221 -25.25 -6.25 9.22
CA ARG A 221 -24.96 -5.86 7.80
C ARG A 221 -23.47 -5.60 7.64
N LEU A 222 -22.88 -6.02 6.52
CA LEU A 222 -21.48 -5.75 6.22
C LEU A 222 -21.25 -4.26 6.00
N SER A 223 -20.07 -3.78 6.41
CA SER A 223 -19.62 -2.42 6.14
C SER A 223 -18.17 -2.44 5.63
N PHE A 224 -17.93 -1.69 4.55
CA PHE A 224 -16.62 -1.52 3.93
C PHE A 224 -16.17 -0.06 3.91
N SER A 225 -16.64 0.72 4.90
CA SER A 225 -16.29 2.12 5.02
C SER A 225 -14.81 2.37 5.05
N HIS A 226 -14.06 1.45 5.67
CA HIS A 226 -12.59 1.55 5.74
C HIS A 226 -11.95 1.41 4.36
N THR A 227 -12.49 0.50 3.54
CA THR A 227 -12.02 0.28 2.20
C THR A 227 -12.40 1.45 1.26
N GLU A 228 -13.64 1.93 1.42
CA GLU A 228 -14.13 3.08 0.66
C GLU A 228 -13.28 4.32 0.91
N LYS A 229 -12.85 4.49 2.17
CA LYS A 229 -11.96 5.58 2.57
C LYS A 229 -10.62 5.51 1.85
N TYR A 230 -10.00 4.33 1.87
CA TYR A 230 -8.72 4.10 1.14
C TYR A 230 -8.91 4.43 -0.34
N ILE A 231 -10.01 3.97 -0.95
CA ILE A 231 -10.25 4.19 -2.37
C ILE A 231 -10.38 5.68 -2.70
N LEU A 232 -11.19 6.39 -1.91
CA LEU A 232 -11.39 7.82 -2.12
C LEU A 232 -10.05 8.57 -2.08
N ASN A 233 -9.17 8.18 -1.15
CA ASN A 233 -7.88 8.83 -0.98
C ASN A 233 -6.73 8.22 -1.78
N ASN A 234 -7.03 7.19 -2.57
CA ASN A 234 -6.09 6.52 -3.47
C ASN A 234 -6.81 6.06 -4.73
N HIS A 235 -7.32 7.02 -5.49
CA HIS A 235 -8.39 6.82 -6.47
C HIS A 235 -7.94 6.76 -7.94
N GLY A 236 -6.66 7.02 -8.19
CA GLY A 236 -6.12 7.05 -9.55
C GLY A 236 -5.48 5.76 -10.00
N ILE A 237 -5.41 5.58 -11.31
CA ILE A 237 -4.60 4.49 -11.90
C ILE A 237 -3.11 4.85 -11.77
N GLU A 238 -2.77 6.14 -11.89
CA GLU A 238 -1.43 6.61 -11.57
C GLU A 238 -1.31 6.91 -10.08
N LYS A 239 -0.18 6.51 -9.50
CA LYS A 239 0.09 6.66 -8.08
C LYS A 239 0.15 8.13 -7.68
N THR A 240 0.46 9.01 -8.63
CA THR A 240 0.59 10.41 -8.41
C THR A 240 -0.69 11.23 -8.64
N CYS A 241 -1.81 10.57 -8.97
CA CYS A 241 -3.08 11.29 -9.19
C CYS A 241 -3.35 12.17 -7.97
N CYS A 242 -3.50 13.48 -8.22
CA CYS A 242 -3.88 14.45 -7.19
C CYS A 242 -2.80 14.77 -6.12
N GLU A 243 -1.58 14.27 -6.33
CA GLU A 243 -0.44 14.55 -5.46
C GLU A 243 0.30 15.80 -5.95
N SER A 244 1.23 16.30 -5.12
CA SER A 244 1.96 17.54 -5.44
C SER A 244 2.89 17.46 -6.68
N SER A 245 3.33 16.26 -7.05
CA SER A 245 4.11 16.04 -8.31
C SER A 245 3.34 15.19 -9.31
N GLY A 246 2.01 15.28 -9.23
CA GLY A 246 1.12 14.59 -10.14
C GLY A 246 0.17 15.57 -10.80
N ALA A 247 -0.78 15.02 -11.55
CA ALA A 247 -1.82 15.78 -12.20
C ALA A 247 -3.08 15.59 -11.40
N LYS A 248 -3.82 16.68 -11.26
CA LYS A 248 -5.11 16.71 -10.59
C LYS A 248 -6.14 16.05 -11.53
N CYS A 249 -7.07 15.28 -10.94
CA CYS A 249 -8.24 14.77 -11.68
C CYS A 249 -9.48 15.45 -11.09
N CYS A 250 -10.65 15.17 -11.67
CA CYS A 250 -11.91 15.72 -11.19
C CYS A 250 -12.85 14.66 -10.66
N ARG A 251 -12.32 13.51 -10.28
CA ARG A 251 -13.10 12.36 -9.73
C ARG A 251 -13.89 12.81 -8.48
N LYS A 252 -13.21 13.38 -7.48
CA LYS A 252 -13.89 13.78 -6.24
C LYS A 252 -14.86 14.94 -6.44
N GLU A 253 -14.51 15.84 -7.37
CA GLU A 253 -15.35 16.99 -7.73
C GLU A 253 -16.70 16.53 -8.32
N CYS A 254 -16.66 15.47 -9.15
CA CYS A 254 -17.87 14.87 -9.70
C CYS A 254 -18.73 14.26 -8.60
N LEU A 255 -18.08 13.57 -7.67
CA LEU A 255 -18.77 13.00 -6.54
C LEU A 255 -19.51 14.11 -5.80
N LYS A 256 -18.81 15.19 -5.47
CA LYS A 256 -19.38 16.33 -4.73
C LYS A 256 -20.62 16.89 -5.43
N LEU A 257 -20.51 17.08 -6.75
CA LEU A 257 -21.59 17.65 -7.56
C LEU A 257 -22.83 16.76 -7.58
N MET A 258 -22.63 15.45 -7.73
CA MET A 258 -23.72 14.48 -7.73
C MET A 258 -24.37 14.42 -6.35
N LYS A 259 -23.53 14.44 -5.31
CA LYS A 259 -23.99 14.49 -3.92
C LYS A 259 -24.88 15.71 -3.63
N TYR A 260 -24.47 16.87 -4.14
CA TYR A 260 -25.18 18.18 -3.97
C TYR A 260 -26.53 18.10 -4.68
N LEU A 261 -26.55 17.61 -5.92
CA LEU A 261 -27.78 17.48 -6.68
C LEU A 261 -28.79 16.68 -5.86
N LEU A 262 -28.35 15.57 -5.26
CA LEU A 262 -29.23 14.71 -4.50
C LEU A 262 -29.72 15.38 -3.19
N GLU A 263 -28.79 15.95 -2.41
CA GLU A 263 -29.13 16.71 -1.19
C GLU A 263 -30.17 17.81 -1.45
N GLN A 264 -29.93 18.61 -2.49
CA GLN A 264 -30.81 19.73 -2.84
C GLN A 264 -32.21 19.24 -3.17
N LEU A 265 -32.28 18.16 -3.97
CA LEU A 265 -33.56 17.56 -4.33
C LEU A 265 -34.24 16.96 -3.11
N LYS A 266 -33.45 16.28 -2.26
CA LYS A 266 -33.96 15.58 -1.11
C LYS A 266 -34.57 16.52 -0.07
N LYS A 267 -33.96 17.71 0.10
CA LYS A 267 -34.47 18.68 1.07
C LYS A 267 -35.75 19.37 0.57
N GLU A 268 -36.02 19.28 -0.73
CA GLU A 268 -37.18 19.89 -1.37
C GLU A 268 -38.34 18.92 -1.58
N PHE A 269 -38.03 17.65 -1.89
CA PHE A 269 -39.04 16.63 -2.20
C PHE A 269 -38.91 15.42 -1.29
N GLN A 270 -39.99 15.11 -0.57
CA GLN A 270 -40.02 13.96 0.34
C GLN A 270 -40.34 12.65 -0.40
N GLU A 271 -40.73 12.76 -1.68
CA GLU A 271 -40.81 11.62 -2.58
C GLU A 271 -39.45 10.90 -2.68
N LEU A 272 -38.36 11.60 -2.37
CA LEU A 272 -37.01 11.08 -2.45
C LEU A 272 -36.41 10.60 -1.13
N ASP A 273 -37.25 10.30 -0.14
CA ASP A 273 -36.81 9.82 1.17
C ASP A 273 -35.98 8.55 1.12
N ALA A 274 -36.34 7.62 0.23
CA ALA A 274 -35.68 6.32 0.09
C ALA A 274 -34.24 6.40 -0.42
N PHE A 275 -33.91 7.49 -1.12
CA PHE A 275 -32.59 7.72 -1.70
C PHE A 275 -31.61 8.33 -0.70
N CYS A 276 -30.32 8.12 -0.94
CA CYS A 276 -29.26 8.54 -0.03
C CYS A 276 -27.95 8.73 -0.78
N SER A 277 -26.97 9.37 -0.13
CA SER A 277 -25.71 9.66 -0.75
C SER A 277 -24.94 8.38 -1.10
N TYR A 278 -25.20 7.29 -0.37
CA TYR A 278 -24.51 6.00 -0.59
C TYR A 278 -24.83 5.47 -1.99
N HIS A 279 -26.03 5.77 -2.50
CA HIS A 279 -26.42 5.40 -3.85
C HIS A 279 -25.50 6.08 -4.85
N VAL A 280 -25.28 7.38 -4.65
CA VAL A 280 -24.41 8.20 -5.48
C VAL A 280 -22.96 7.69 -5.43
N LYS A 281 -22.50 7.33 -4.23
CA LYS A 281 -21.13 6.87 -3.99
C LYS A 281 -20.88 5.54 -4.70
N THR A 282 -21.86 4.64 -4.62
CA THR A 282 -21.81 3.34 -5.27
C THR A 282 -21.80 3.48 -6.79
N ALA A 283 -22.70 4.32 -7.34
CA ALA A 283 -22.73 4.58 -8.77
C ALA A 283 -21.36 5.06 -9.28
N ILE A 284 -20.77 6.05 -8.60
CA ILE A 284 -19.51 6.62 -9.04
C ILE A 284 -18.34 5.63 -8.92
N PHE A 285 -18.42 4.71 -7.95
CA PHE A 285 -17.45 3.64 -7.85
C PHE A 285 -17.47 2.77 -9.12
N HIS A 286 -18.67 2.48 -9.63
CA HIS A 286 -18.83 1.71 -10.87
C HIS A 286 -18.30 2.48 -12.08
N MET A 287 -18.57 3.79 -12.12
CA MET A 287 -18.08 4.65 -13.19
C MET A 287 -16.57 4.73 -13.18
N TRP A 288 -15.98 4.87 -11.99
CA TRP A 288 -14.53 4.87 -11.84
C TRP A 288 -13.87 3.57 -12.34
N THR A 289 -14.58 2.45 -12.21
CA THR A 289 -14.13 1.15 -12.70
C THR A 289 -14.27 1.10 -14.23
N GLN A 290 -15.40 1.60 -14.72
CA GLN A 290 -15.70 1.63 -16.13
C GLN A 290 -14.76 2.55 -16.94
N ASP A 291 -14.38 3.69 -16.33
CA ASP A 291 -13.45 4.65 -16.91
C ASP A 291 -12.23 4.77 -16.00
N PRO A 292 -11.31 3.78 -16.03
CA PRO A 292 -10.20 3.74 -15.08
C PRO A 292 -9.09 4.79 -15.28
N GLN A 293 -8.91 5.28 -16.51
CA GLN A 293 -7.79 6.18 -16.83
C GLN A 293 -7.97 7.56 -16.18
N ASP A 294 -6.89 8.10 -15.62
CA ASP A 294 -6.93 9.43 -15.01
C ASP A 294 -7.31 10.50 -16.04
N SER A 295 -6.92 10.27 -17.31
CA SER A 295 -7.18 11.18 -18.41
C SER A 295 -8.66 11.25 -18.78
N GLN A 296 -9.42 10.23 -18.40
CA GLN A 296 -10.87 10.23 -18.55
C GLN A 296 -11.55 11.07 -17.44
N TRP A 297 -10.75 11.61 -16.52
CA TRP A 297 -11.23 12.50 -15.45
C TRP A 297 -10.38 13.76 -15.36
N ASP A 298 -10.02 14.31 -16.52
CA ASP A 298 -9.35 15.59 -16.63
C ASP A 298 -10.23 16.72 -16.09
N PRO A 299 -9.67 17.64 -15.25
CA PRO A 299 -10.41 18.80 -14.74
C PRO A 299 -11.09 19.62 -15.84
N ARG A 300 -10.45 19.77 -17.00
CA ARG A 300 -10.98 20.55 -18.16
C ARG A 300 -12.28 19.90 -18.66
N ASN A 301 -12.49 18.60 -18.40
CA ASN A 301 -13.69 17.88 -18.85
C ASN A 301 -14.70 17.59 -17.74
N LEU A 302 -14.72 18.45 -16.72
CA LEU A 302 -15.65 18.36 -15.60
C LEU A 302 -17.12 18.19 -16.05
N SER A 303 -17.55 18.98 -17.03
CA SER A 303 -18.93 18.91 -17.55
C SER A 303 -19.26 17.55 -18.15
N SER A 304 -18.41 17.05 -19.04
CA SER A 304 -18.60 15.75 -19.66
C SER A 304 -18.63 14.68 -18.57
N CYS A 305 -17.66 14.74 -17.66
CA CYS A 305 -17.52 13.74 -16.60
C CYS A 305 -18.76 13.70 -15.70
N PHE A 306 -19.22 14.89 -15.27
CA PHE A 306 -20.42 14.99 -14.46
C PHE A 306 -21.62 14.47 -15.24
N ASP A 307 -21.72 14.88 -16.51
CA ASP A 307 -22.80 14.46 -17.38
C ASP A 307 -22.87 12.95 -17.58
N LYS A 308 -21.72 12.29 -17.78
CA LYS A 308 -21.70 10.85 -17.99
C LYS A 308 -22.10 10.10 -16.69
N LEU A 309 -21.73 10.67 -15.54
CA LEU A 309 -22.16 10.16 -14.24
C LEU A 309 -23.70 10.23 -14.09
N LEU A 310 -24.28 11.38 -14.44
CA LEU A 310 -25.72 11.54 -14.42
C LEU A 310 -26.41 10.55 -15.36
N ALA A 311 -25.83 10.38 -16.55
CA ALA A 311 -26.34 9.45 -17.55
C ALA A 311 -26.33 8.04 -16.99
N PHE A 312 -25.23 7.66 -16.33
CA PHE A 312 -25.09 6.32 -15.74
C PHE A 312 -26.13 6.06 -14.63
N PHE A 313 -26.29 7.04 -13.75
CA PHE A 313 -27.24 6.98 -12.66
C PHE A 313 -28.69 6.84 -13.15
N LEU A 314 -29.03 7.53 -14.24
CA LEU A 314 -30.35 7.44 -14.85
C LEU A 314 -30.64 6.06 -15.41
N GLU A 315 -29.59 5.39 -15.90
CA GLU A 315 -29.70 4.05 -16.45
C GLU A 315 -29.95 3.06 -15.32
N CYS A 316 -29.24 3.25 -14.21
CA CYS A 316 -29.47 2.51 -13.00
C CYS A 316 -30.92 2.62 -12.52
N LEU A 317 -31.45 3.85 -12.56
CA LEU A 317 -32.84 4.10 -12.17
C LEU A 317 -33.85 3.47 -13.14
N ARG A 318 -33.61 3.62 -14.44
CA ARG A 318 -34.51 3.10 -15.51
C ARG A 318 -34.57 1.57 -15.40
N THR A 319 -33.42 0.92 -15.30
CA THR A 319 -33.34 -0.55 -15.26
C THR A 319 -33.49 -1.14 -13.86
N GLU A 320 -33.73 -0.27 -12.86
CA GLU A 320 -33.94 -0.68 -11.47
C GLU A 320 -32.78 -1.53 -10.95
N LYS A 321 -31.55 -1.11 -11.24
CA LYS A 321 -30.36 -1.89 -10.97
C LYS A 321 -29.14 -1.03 -10.64
N LEU A 322 -28.68 -1.13 -9.40
CA LEU A 322 -27.47 -0.49 -8.90
C LEU A 322 -26.84 -1.42 -7.87
N ASP A 323 -25.96 -2.32 -8.34
CA ASP A 323 -25.34 -3.32 -7.49
C ASP A 323 -24.39 -2.69 -6.49
N HIS A 324 -24.45 -3.16 -5.24
CA HIS A 324 -23.44 -2.83 -4.23
C HIS A 324 -22.08 -3.17 -4.83
N TYR A 325 -21.08 -2.29 -4.62
CA TYR A 325 -19.74 -2.39 -5.24
C TYR A 325 -18.96 -3.57 -4.66
N PHE A 326 -19.24 -3.92 -3.41
CA PHE A 326 -18.55 -4.98 -2.70
C PHE A 326 -19.32 -6.29 -2.71
N ILE A 327 -20.63 -6.22 -2.95
CA ILE A 327 -21.53 -7.37 -2.85
C ILE A 327 -22.41 -7.40 -4.10
N PRO A 328 -21.89 -7.93 -5.23
CA PRO A 328 -22.52 -7.76 -6.55
C PRO A 328 -24.00 -8.15 -6.64
N LYS A 329 -24.46 -9.13 -5.85
CA LYS A 329 -25.83 -9.63 -5.96
C LYS A 329 -26.87 -8.84 -5.17
N PHE A 330 -26.40 -7.88 -4.35
CA PHE A 330 -27.24 -7.01 -3.55
C PHE A 330 -27.55 -5.76 -4.35
N ASN A 331 -28.76 -5.70 -4.93
CA ASN A 331 -29.22 -4.61 -5.75
C ASN A 331 -29.88 -3.55 -4.89
N LEU A 332 -29.21 -2.40 -4.74
CA LEU A 332 -29.71 -1.30 -3.91
C LEU A 332 -30.96 -0.63 -4.49
N PHE A 333 -31.23 -0.85 -5.78
CA PHE A 333 -32.41 -0.31 -6.45
C PHE A 333 -33.46 -1.39 -6.76
N SER A 334 -33.51 -2.45 -5.95
CA SER A 334 -34.50 -3.50 -6.14
C SER A 334 -35.88 -2.92 -5.83
N GLN A 335 -36.91 -3.44 -6.51
CA GLN A 335 -38.31 -3.10 -6.24
C GLN A 335 -38.60 -3.21 -4.74
N GLU A 336 -38.05 -4.27 -4.13
CA GLU A 336 -38.22 -4.56 -2.71
C GLU A 336 -37.71 -3.45 -1.76
N LEU A 337 -36.75 -2.63 -2.23
CA LEU A 337 -36.16 -1.55 -1.44
C LEU A 337 -36.70 -0.17 -1.78
N ILE A 338 -36.86 0.10 -3.09
CA ILE A 338 -37.32 1.39 -3.58
C ILE A 338 -38.39 1.16 -4.65
N ASP A 339 -39.52 1.84 -4.46
CA ASP A 339 -40.65 1.74 -5.37
C ASP A 339 -40.29 2.31 -6.74
N ARG A 340 -40.79 1.65 -7.80
CA ARG A 340 -40.58 2.06 -9.21
C ARG A 340 -40.98 3.53 -9.39
N LYS A 341 -42.05 3.96 -8.71
CA LYS A 341 -42.53 5.33 -8.77
C LYS A 341 -41.52 6.33 -8.23
N SER A 342 -40.88 6.00 -7.10
CA SER A 342 -39.82 6.83 -6.53
C SER A 342 -38.67 7.02 -7.51
N LYS A 343 -38.31 5.94 -8.20
CA LYS A 343 -37.21 5.95 -9.18
C LYS A 343 -37.54 6.76 -10.41
N GLU A 344 -38.79 6.66 -10.88
CA GLU A 344 -39.28 7.44 -12.01
C GLU A 344 -39.39 8.92 -11.66
N PHE A 345 -39.76 9.23 -10.41
CA PHE A 345 -39.78 10.59 -9.92
C PHE A 345 -38.39 11.22 -9.95
N LEU A 346 -37.39 10.50 -9.43
CA LEU A 346 -36.03 10.99 -9.39
C LEU A 346 -35.41 11.14 -10.80
N SER A 347 -35.82 10.26 -11.73
CA SER A 347 -35.35 10.30 -13.10
C SER A 347 -35.79 11.57 -13.80
N LYS A 348 -37.08 11.89 -13.67
CA LYS A 348 -37.63 13.11 -14.24
C LYS A 348 -36.98 14.35 -13.64
N LYS A 349 -36.72 14.34 -12.33
CA LYS A 349 -36.07 15.46 -11.65
C LYS A 349 -34.63 15.67 -12.11
N ILE A 350 -33.87 14.59 -12.24
CA ILE A 350 -32.50 14.66 -12.73
C ILE A 350 -32.45 15.11 -14.19
N GLU A 351 -33.23 14.47 -15.05
CA GLU A 351 -33.36 14.82 -16.48
C GLU A 351 -33.66 16.30 -16.70
N TYR A 352 -34.55 16.85 -15.86
CA TYR A 352 -34.99 18.27 -15.92
C TYR A 352 -33.81 19.20 -15.62
N GLU A 353 -33.16 19.00 -14.47
CA GLU A 353 -32.01 19.81 -14.06
C GLU A 353 -30.91 19.82 -15.13
N ARG A 354 -30.60 18.63 -15.65
CA ARG A 354 -29.59 18.37 -16.71
C ARG A 354 -29.89 19.24 -17.94
N ASN A 355 -31.15 19.30 -18.36
CA ASN A 355 -31.57 19.95 -19.61
C ASN A 355 -31.99 21.43 -19.47
N ASN A 356 -31.86 21.99 -18.26
CA ASN A 356 -32.20 23.39 -18.01
C ASN A 356 -31.16 24.16 -17.20
N GLY A 357 -29.91 23.67 -17.24
CA GLY A 357 -28.77 24.35 -16.67
C GLY A 357 -28.65 24.23 -15.16
N PHE A 358 -29.19 23.13 -14.61
CA PHE A 358 -29.15 22.87 -13.19
C PHE A 358 -29.59 24.08 -12.36
N PRO A 359 -30.87 24.51 -12.50
CA PRO A 359 -31.39 25.64 -11.71
C PRO A 359 -31.26 25.42 -10.19
N ILE A 360 -31.32 24.17 -9.73
CA ILE A 360 -31.30 23.84 -8.30
C ILE A 360 -29.94 24.10 -7.63
N PHE A 361 -28.89 24.28 -8.45
CA PHE A 361 -27.58 24.66 -7.94
C PHE A 361 -27.53 26.11 -7.46
N ASP A 362 -28.49 26.94 -7.90
CA ASP A 362 -28.54 28.37 -7.56
C ASP A 362 -29.36 28.70 -6.30
N LYS A 363 -29.94 27.67 -5.67
CA LYS A 363 -30.83 27.85 -4.52
C LYS A 363 -30.07 28.06 -3.21
N LYS B 6 16.24 -11.10 -31.41
CA LYS B 6 17.34 -10.08 -31.35
C LYS B 6 17.74 -9.93 -29.86
N LEU B 7 17.40 -8.79 -29.25
CA LEU B 7 17.44 -8.62 -27.82
C LEU B 7 16.43 -9.54 -27.14
N LYS B 8 15.33 -9.84 -27.83
CA LYS B 8 14.34 -10.79 -27.34
C LYS B 8 14.93 -12.20 -27.25
N LYS B 9 15.73 -12.59 -28.26
CA LYS B 9 16.42 -13.89 -28.25
C LYS B 9 17.47 -14.01 -27.13
N VAL B 10 18.10 -12.89 -26.78
CA VAL B 10 19.06 -12.84 -25.69
C VAL B 10 18.36 -13.08 -24.33
N LEU B 11 17.22 -12.39 -24.12
CA LEU B 11 16.40 -12.57 -22.93
C LEU B 11 15.88 -13.99 -22.78
N ASP B 12 15.57 -14.64 -23.91
CA ASP B 12 15.25 -16.07 -23.92
C ASP B 12 16.36 -16.91 -23.26
N LYS B 13 17.60 -16.64 -23.66
CA LYS B 13 18.76 -17.32 -23.09
C LYS B 13 18.90 -17.02 -21.60
N LEU B 14 18.74 -15.74 -21.23
CA LEU B 14 18.90 -15.26 -19.86
C LEU B 14 17.84 -15.77 -18.89
N ARG B 15 16.67 -16.11 -19.44
CA ARG B 15 15.51 -16.61 -18.67
C ARG B 15 15.91 -17.86 -17.88
N LEU B 16 15.68 -17.84 -16.56
CA LEU B 16 15.83 -19.00 -15.70
C LEU B 16 14.76 -20.03 -16.02
N LYS B 17 15.09 -21.30 -15.73
CA LYS B 17 14.21 -22.43 -16.00
C LYS B 17 13.58 -22.91 -14.70
N ARG B 18 12.28 -23.16 -14.75
CA ARG B 18 11.43 -23.58 -13.60
C ARG B 18 12.08 -24.77 -12.88
N LYS B 19 12.63 -25.71 -13.66
CA LYS B 19 13.31 -26.89 -13.15
C LYS B 19 14.51 -26.53 -12.28
N ASP B 20 15.38 -25.66 -12.81
CA ASP B 20 16.59 -25.19 -12.12
C ASP B 20 16.24 -24.36 -10.89
N ILE B 21 15.22 -23.50 -11.03
CA ILE B 21 14.70 -22.69 -9.93
C ILE B 21 14.32 -23.55 -8.72
N SER B 22 13.50 -24.60 -8.94
CA SER B 22 13.00 -25.43 -7.83
C SER B 22 14.08 -26.25 -7.17
N GLU B 23 14.97 -26.82 -7.99
CA GLU B 23 16.13 -27.57 -7.51
C GLU B 23 17.09 -26.71 -6.68
N ALA B 24 17.37 -25.49 -7.16
CA ALA B 24 18.22 -24.53 -6.44
C ALA B 24 17.57 -24.08 -5.14
N ALA B 25 16.31 -23.61 -5.24
CA ALA B 25 15.58 -23.07 -4.10
C ALA B 25 15.38 -24.06 -2.94
N GLU B 26 15.09 -25.32 -3.27
CA GLU B 26 14.80 -26.29 -2.23
C GLU B 26 16.04 -26.60 -1.38
N THR B 27 17.21 -26.58 -2.01
CA THR B 27 18.50 -26.77 -1.33
C THR B 27 18.92 -25.52 -0.54
N VAL B 28 18.74 -24.34 -1.14
CA VAL B 28 19.05 -23.08 -0.48
C VAL B 28 18.19 -22.90 0.78
N ASN B 29 16.90 -23.21 0.67
CA ASN B 29 15.98 -23.04 1.79
C ASN B 29 16.29 -23.94 2.97
N LYS B 30 16.66 -25.20 2.69
CA LYS B 30 17.13 -26.14 3.72
C LYS B 30 18.27 -25.56 4.56
N VAL B 31 19.29 -25.02 3.89
CA VAL B 31 20.47 -24.50 4.55
C VAL B 31 20.18 -23.21 5.33
N VAL B 32 19.45 -22.29 4.70
CA VAL B 32 19.08 -21.03 5.34
C VAL B 32 18.17 -21.26 6.56
N GLU B 33 17.15 -22.10 6.37
CA GLU B 33 16.23 -22.53 7.44
C GLU B 33 17.02 -22.99 8.66
N ARG B 34 18.00 -23.88 8.42
CA ARG B 34 18.84 -24.53 9.46
C ARG B 34 19.73 -23.48 10.14
N LEU B 35 20.39 -22.62 9.36
CA LEU B 35 21.24 -21.58 9.91
C LEU B 35 20.43 -20.61 10.76
N LEU B 36 19.24 -20.26 10.29
CA LEU B 36 18.35 -19.32 10.98
C LEU B 36 17.94 -19.85 12.35
N ARG B 37 17.57 -21.12 12.43
CA ARG B 37 17.13 -21.77 13.71
C ARG B 37 18.29 -21.74 14.71
N ARG B 38 19.52 -22.05 14.26
CA ARG B 38 20.74 -22.06 15.09
C ARG B 38 20.95 -20.69 15.74
N MET B 39 20.62 -19.60 15.03
CA MET B 39 20.81 -18.25 15.59
C MET B 39 19.95 -17.97 16.82
N GLN B 40 18.73 -18.51 16.86
CA GLN B 40 17.82 -18.33 18.01
C GLN B 40 17.82 -19.51 18.96
N LYS B 41 17.30 -20.65 18.48
CA LYS B 41 17.00 -21.80 19.32
C LYS B 41 18.15 -22.16 20.26
N ARG B 42 19.39 -22.01 19.78
CA ARG B 42 20.61 -22.09 20.62
C ARG B 42 20.92 -20.67 21.12
N GLU B 43 21.23 -20.54 22.42
CA GLU B 43 21.27 -19.26 23.11
C GLU B 43 22.51 -18.50 22.70
N SER B 44 22.35 -17.67 21.66
CA SER B 44 23.39 -16.82 21.11
C SER B 44 22.94 -15.37 21.12
N GLU B 45 23.91 -14.48 20.85
CA GLU B 45 23.71 -13.03 20.86
C GLU B 45 22.79 -12.55 19.73
N PHE B 46 22.47 -13.44 18.79
CA PHE B 46 21.66 -13.15 17.64
C PHE B 46 20.27 -13.77 17.71
N LYS B 47 19.86 -14.21 18.91
CA LYS B 47 18.49 -14.63 19.17
C LYS B 47 17.57 -13.45 18.82
N GLY B 48 16.44 -13.76 18.14
CA GLY B 48 15.51 -12.76 17.65
C GLY B 48 15.74 -12.30 16.21
N VAL B 49 16.89 -12.65 15.63
CA VAL B 49 17.24 -12.30 14.26
C VAL B 49 16.18 -12.86 13.30
N GLU B 50 15.80 -12.08 12.29
CA GLU B 50 14.75 -12.45 11.34
C GLU B 50 15.27 -12.47 9.91
N GLN B 51 14.62 -13.28 9.06
CA GLN B 51 15.05 -13.51 7.69
C GLN B 51 14.38 -12.55 6.73
N LEU B 52 15.15 -12.00 5.80
CA LEU B 52 14.64 -11.14 4.75
C LEU B 52 15.42 -11.43 3.48
N ASN B 53 14.73 -11.99 2.49
CA ASN B 53 15.33 -12.35 1.22
C ASN B 53 15.45 -11.10 0.33
N THR B 54 16.64 -10.92 -0.26
CA THR B 54 16.96 -9.73 -1.03
C THR B 54 17.70 -10.09 -2.31
N GLY B 55 17.90 -9.09 -3.17
CA GLY B 55 18.74 -9.24 -4.35
C GLY B 55 17.99 -9.76 -5.56
N SER B 56 18.75 -10.08 -6.62
CA SER B 56 18.19 -10.26 -7.94
C SER B 56 17.18 -11.41 -8.03
N TYR B 57 17.47 -12.54 -7.39
CA TYR B 57 16.60 -13.76 -7.47
C TYR B 57 15.20 -13.40 -6.96
N TYR B 58 15.10 -12.66 -5.85
CA TYR B 58 13.83 -12.33 -5.15
C TYR B 58 13.21 -11.07 -5.77
N GLU B 59 13.96 -10.35 -6.60
CA GLU B 59 13.43 -9.23 -7.38
C GLU B 59 13.01 -9.68 -8.79
N HIS B 60 13.29 -10.96 -9.12
CA HIS B 60 13.01 -11.55 -10.42
C HIS B 60 13.79 -10.86 -11.53
N VAL B 61 15.04 -10.45 -11.25
CA VAL B 61 15.96 -9.96 -12.28
C VAL B 61 17.28 -10.75 -12.31
N LYS B 62 17.27 -11.96 -11.76
CA LYS B 62 18.40 -12.86 -11.83
C LYS B 62 18.46 -13.40 -13.24
N ILE B 63 19.65 -13.38 -13.85
CA ILE B 63 19.85 -13.87 -15.21
C ILE B 63 20.68 -15.14 -15.30
N SER B 64 20.49 -15.87 -16.39
CA SER B 64 21.31 -17.03 -16.81
C SER B 64 21.05 -18.35 -16.04
N ALA B 65 21.27 -18.30 -14.72
CA ALA B 65 21.05 -19.45 -13.83
C ALA B 65 20.67 -18.97 -12.44
N PRO B 66 19.94 -19.81 -11.65
CA PRO B 66 19.65 -19.50 -10.25
C PRO B 66 20.82 -19.95 -9.35
N ASN B 67 21.93 -19.21 -9.40
CA ASN B 67 23.17 -19.63 -8.78
C ASN B 67 23.76 -18.65 -7.76
N GLU B 68 23.01 -17.60 -7.42
CA GLU B 68 23.47 -16.62 -6.45
C GLU B 68 22.24 -16.02 -5.76
N PHE B 69 22.19 -16.18 -4.43
CA PHE B 69 21.07 -15.82 -3.57
C PHE B 69 21.58 -14.91 -2.47
N ASP B 70 20.78 -13.92 -2.08
CA ASP B 70 21.14 -13.00 -1.01
C ASP B 70 20.06 -13.01 0.07
N VAL B 71 20.49 -13.22 1.32
CA VAL B 71 19.59 -13.27 2.47
C VAL B 71 20.12 -12.38 3.58
N MET B 72 19.23 -11.56 4.15
CA MET B 72 19.56 -10.66 5.22
C MET B 72 19.06 -11.30 6.52
N PHE B 73 19.96 -11.48 7.48
CA PHE B 73 19.60 -11.89 8.84
C PHE B 73 19.59 -10.60 9.64
N LYS B 74 18.41 -10.03 9.81
CA LYS B 74 18.24 -8.71 10.41
C LYS B 74 17.91 -8.82 11.89
N LEU B 75 18.54 -7.96 12.70
CA LEU B 75 18.39 -7.96 14.15
C LEU B 75 17.93 -6.59 14.61
N GLU B 76 16.75 -6.56 15.25
CA GLU B 76 16.20 -5.34 15.82
C GLU B 76 16.99 -4.96 17.07
N VAL B 77 17.41 -3.69 17.13
CA VAL B 77 18.17 -3.19 18.28
C VAL B 77 17.54 -1.94 18.87
N PRO B 78 17.73 -1.65 20.18
CA PRO B 78 17.12 -0.47 20.80
C PRO B 78 17.65 0.83 20.20
N ARG B 79 17.19 1.99 20.69
CA ARG B 79 17.57 3.33 20.18
C ARG B 79 19.11 3.45 20.17
N ILE B 80 19.73 3.21 19.01
CA ILE B 80 21.14 3.46 18.80
C ILE B 80 21.27 4.88 18.25
N GLU B 81 22.44 5.49 18.46
CA GLU B 81 22.79 6.75 17.84
C GLU B 81 23.96 6.55 16.87
N LEU B 82 23.86 7.20 15.72
CA LEU B 82 24.80 7.08 14.63
C LEU B 82 25.66 8.33 14.55
N GLN B 83 26.94 8.13 14.27
CA GLN B 83 27.85 9.20 13.93
C GLN B 83 28.34 8.92 12.53
N GLU B 84 28.20 9.92 11.65
CA GLU B 84 28.58 9.79 10.27
C GLU B 84 30.09 9.77 10.16
N TYR B 85 30.61 8.77 9.46
CA TYR B 85 32.07 8.50 9.29
C TYR B 85 32.61 9.38 8.16
N TYR B 86 33.21 10.51 8.53
CA TYR B 86 33.95 11.45 7.63
C TYR B 86 33.06 11.85 6.44
N GLU B 87 31.81 12.25 6.73
CA GLU B 87 30.92 12.86 5.74
C GLU B 87 30.68 12.01 4.48
N THR B 88 30.93 10.71 4.56
CA THR B 88 30.79 9.78 3.42
C THR B 88 29.33 9.57 3.02
N GLY B 89 28.41 9.79 3.96
CA GLY B 89 26.98 9.69 3.71
C GLY B 89 26.43 8.33 4.01
N ALA B 90 27.21 7.29 3.67
CA ALA B 90 26.77 5.90 3.73
C ALA B 90 27.37 5.09 4.87
N PHE B 91 28.46 5.58 5.47
CA PHE B 91 29.16 4.87 6.54
C PHE B 91 29.00 5.60 7.88
N TYR B 92 28.82 4.81 8.95
CA TYR B 92 28.50 5.30 10.32
C TYR B 92 29.17 4.39 11.36
N LEU B 93 29.51 4.98 12.51
CA LEU B 93 29.79 4.26 13.75
C LEU B 93 28.48 4.20 14.53
N VAL B 94 28.25 3.06 15.20
CA VAL B 94 27.01 2.80 15.92
C VAL B 94 27.26 2.81 17.44
N LYS B 95 26.25 3.27 18.20
CA LYS B 95 26.25 3.21 19.67
C LYS B 95 24.90 2.75 20.24
N PRO B 104 23.06 -8.17 25.79
CA PRO B 104 23.29 -9.31 24.88
C PRO B 104 24.46 -9.04 23.91
N LEU B 105 24.46 -7.88 23.25
CA LEU B 105 25.50 -7.47 22.31
C LEU B 105 26.75 -6.86 22.96
N SER B 106 26.82 -6.95 24.29
CA SER B 106 27.86 -6.31 25.09
C SER B 106 29.28 -6.75 24.71
N HIS B 107 29.38 -8.00 24.25
CA HIS B 107 30.66 -8.63 23.90
C HIS B 107 31.31 -7.98 22.67
N PHE B 108 30.51 -7.26 21.87
CA PHE B 108 30.97 -6.64 20.62
C PHE B 108 31.29 -5.15 20.73
N LEU B 109 31.41 -4.66 21.96
CA LEU B 109 31.92 -3.31 22.24
C LEU B 109 33.44 -3.30 22.40
N VAL B 113 31.06 1.98 21.33
CA VAL B 113 31.06 1.74 19.89
C VAL B 113 30.86 0.26 19.59
N LEU B 114 29.79 -0.04 18.84
CA LEU B 114 29.53 -1.40 18.37
C LEU B 114 30.41 -1.73 17.15
N SER B 115 31.34 -2.66 17.36
CA SER B 115 32.31 -3.10 16.35
C SER B 115 31.66 -4.06 15.36
N ALA B 116 31.58 -3.62 14.10
CA ALA B 116 31.14 -4.43 12.97
C ALA B 116 31.93 -5.74 12.82
N THR B 117 33.26 -5.63 12.86
CA THR B 117 34.16 -6.78 12.70
C THR B 117 33.98 -7.84 13.79
N LYS B 118 33.91 -7.39 15.04
CA LYS B 118 33.69 -8.29 16.18
C LYS B 118 32.36 -9.03 16.04
N MET B 119 31.30 -8.28 15.72
CA MET B 119 29.98 -8.87 15.56
C MET B 119 29.93 -9.83 14.39
N LEU B 120 30.48 -9.41 13.24
CA LEU B 120 30.57 -10.24 12.03
C LEU B 120 31.37 -11.51 12.27
N SER B 121 32.44 -11.41 13.09
CA SER B 121 33.27 -12.56 13.40
C SER B 121 32.50 -13.65 14.13
N LYS B 122 31.75 -13.28 15.17
CA LYS B 122 30.97 -14.25 15.94
C LYS B 122 29.87 -14.86 15.07
N PHE B 123 29.15 -13.98 14.37
CA PHE B 123 28.14 -14.37 13.40
C PHE B 123 28.72 -15.43 12.46
N ARG B 124 29.88 -15.12 11.89
CA ARG B 124 30.65 -15.98 10.96
C ARG B 124 31.05 -17.29 11.67
N LYS B 125 31.59 -17.21 12.88
CA LYS B 125 32.04 -18.39 13.64
C LYS B 125 30.88 -19.39 13.82
N ILE B 126 29.71 -18.85 14.17
CA ILE B 126 28.52 -19.64 14.39
C ILE B 126 28.12 -20.38 13.12
N ILE B 127 27.98 -19.61 12.04
CA ILE B 127 27.59 -20.16 10.76
C ILE B 127 28.52 -21.31 10.34
N LYS B 128 29.84 -21.08 10.46
CA LYS B 128 30.85 -22.08 10.07
C LYS B 128 30.68 -23.36 10.83
N GLU B 129 30.42 -23.23 12.14
CA GLU B 129 30.18 -24.38 13.02
C GLU B 129 28.95 -25.15 12.57
N GLU B 130 27.88 -24.43 12.26
CA GLU B 130 26.65 -25.06 11.83
C GLU B 130 26.77 -25.77 10.47
N VAL B 131 27.55 -25.19 9.56
CA VAL B 131 27.80 -25.77 8.24
C VAL B 131 28.56 -27.11 8.31
N LYS B 132 29.47 -27.21 9.29
CA LYS B 132 30.20 -28.47 9.59
C LYS B 132 29.26 -29.64 9.90
N GLU B 133 28.12 -29.35 10.55
CA GLU B 133 27.13 -30.35 10.95
C GLU B 133 26.14 -30.75 9.84
N ILE B 134 26.32 -30.24 8.62
CA ILE B 134 25.47 -30.59 7.49
C ILE B 134 26.10 -31.71 6.65
N LYS B 135 25.47 -32.90 6.64
CA LYS B 135 25.97 -34.05 5.89
C LYS B 135 25.07 -34.65 4.79
N ASP B 136 24.00 -33.93 4.40
CA ASP B 136 23.18 -34.34 3.24
C ASP B 136 23.30 -33.36 2.07
N ILE B 137 24.13 -32.33 2.24
CA ILE B 137 24.38 -31.32 1.25
C ILE B 137 25.89 -31.07 1.20
N ASP B 138 26.40 -30.83 -0.03
CA ASP B 138 27.78 -30.42 -0.24
C ASP B 138 27.81 -28.90 -0.15
N VAL B 139 28.23 -28.36 1.01
CA VAL B 139 28.23 -26.92 1.26
C VAL B 139 29.38 -26.53 2.19
N SER B 140 30.15 -25.52 1.76
CA SER B 140 31.25 -24.96 2.56
C SER B 140 31.11 -23.46 2.71
N VAL B 141 31.97 -22.87 3.55
CA VAL B 141 32.01 -21.43 3.76
C VAL B 141 33.21 -20.85 3.03
N GLU B 142 32.95 -19.87 2.15
CA GLU B 142 33.98 -19.23 1.35
C GLU B 142 34.90 -18.44 2.27
N LYS B 143 36.19 -18.39 1.92
CA LYS B 143 37.18 -17.56 2.60
C LYS B 143 36.67 -16.10 2.68
N GLU B 144 36.80 -15.50 3.88
CA GLU B 144 36.38 -14.13 4.11
C GLU B 144 37.10 -13.16 3.21
N LYS B 145 36.33 -12.42 2.41
CA LYS B 145 36.82 -11.26 1.67
C LYS B 145 36.68 -10.06 2.60
N PRO B 146 37.76 -9.28 2.84
CA PRO B 146 37.65 -8.03 3.61
C PRO B 146 36.74 -7.03 2.89
N GLY B 147 36.06 -6.17 3.65
CA GLY B 147 35.12 -5.21 3.11
C GLY B 147 33.88 -5.85 2.50
N SER B 148 33.58 -7.07 2.95
CA SER B 148 32.34 -7.75 2.60
C SER B 148 31.50 -7.94 3.85
N PRO B 149 30.21 -7.57 3.83
CA PRO B 149 29.33 -7.80 4.98
C PRO B 149 28.80 -9.24 5.07
N ALA B 150 29.19 -10.09 4.11
CA ALA B 150 28.54 -11.36 3.88
C ALA B 150 29.35 -12.49 4.45
N VAL B 151 28.66 -13.55 4.87
CA VAL B 151 29.23 -14.87 5.01
C VAL B 151 28.70 -15.63 3.82
N THR B 152 29.59 -15.98 2.88
CA THR B 152 29.20 -16.59 1.63
C THR B 152 29.35 -18.10 1.70
N LEU B 153 28.27 -18.80 1.33
CA LEU B 153 28.21 -20.25 1.28
C LEU B 153 28.35 -20.70 -0.17
N LEU B 154 29.15 -21.76 -0.38
CA LEU B 154 29.31 -22.38 -1.68
C LEU B 154 28.66 -23.75 -1.64
N ILE B 155 27.54 -23.90 -2.35
CA ILE B 155 26.79 -25.15 -2.45
C ILE B 155 27.06 -25.78 -3.80
N ARG B 156 27.01 -27.12 -3.85
CA ARG B 156 27.07 -27.94 -5.09
C ARG B 156 25.94 -28.98 -5.04
N ASN B 157 24.92 -28.86 -5.90
CA ASN B 157 24.14 -30.02 -6.32
C ASN B 157 25.17 -30.55 -7.29
N PRO B 158 24.88 -30.88 -8.56
CA PRO B 158 25.91 -30.83 -9.60
C PRO B 158 26.32 -29.39 -9.96
N GLU B 159 25.56 -28.37 -9.53
CA GLU B 159 25.78 -26.97 -9.93
C GLU B 159 26.20 -26.04 -8.79
N GLU B 160 27.15 -25.15 -9.08
CA GLU B 160 27.67 -24.19 -8.12
C GLU B 160 26.60 -23.15 -7.81
N ILE B 161 26.30 -22.96 -6.51
CA ILE B 161 25.36 -21.96 -6.03
C ILE B 161 25.97 -21.18 -4.87
N SER B 162 26.02 -19.85 -5.01
CA SER B 162 26.47 -18.95 -3.94
C SER B 162 25.29 -18.42 -3.13
N VAL B 163 25.45 -18.39 -1.81
CA VAL B 163 24.51 -17.71 -0.92
C VAL B 163 25.26 -16.76 0.02
N ASP B 164 24.94 -15.47 -0.07
CA ASP B 164 25.45 -14.46 0.84
C ASP B 164 24.47 -14.31 2.01
N ILE B 165 24.94 -14.62 3.22
CA ILE B 165 24.19 -14.36 4.45
C ILE B 165 24.73 -13.07 5.04
N ILE B 166 23.88 -12.05 5.03
CA ILE B 166 24.25 -10.68 5.35
C ILE B 166 23.62 -10.29 6.68
N LEU B 167 24.49 -10.10 7.69
CA LEU B 167 24.11 -9.56 8.98
C LEU B 167 23.67 -8.12 8.82
N ALA B 168 22.55 -7.77 9.45
CA ALA B 168 22.03 -6.42 9.44
C ALA B 168 21.47 -6.01 10.79
N LEU B 169 21.84 -4.81 11.23
CA LEU B 169 21.14 -4.12 12.31
C LEU B 169 19.90 -3.49 11.71
N GLU B 170 18.75 -3.67 12.37
CA GLU B 170 17.49 -3.03 12.00
C GLU B 170 17.20 -1.90 13.01
N SER B 171 17.12 -0.66 12.51
CA SER B 171 16.74 0.50 13.31
C SER B 171 15.40 1.05 12.85
N LYS B 172 14.54 1.39 13.82
CA LYS B 172 13.16 1.79 13.58
C LYS B 172 12.94 3.30 13.60
N GLY B 173 13.98 4.08 13.91
CA GLY B 173 13.90 5.53 13.87
C GLY B 173 13.83 6.09 12.47
N SER B 174 13.75 7.42 12.38
CA SER B 174 13.86 8.16 11.13
C SER B 174 15.15 7.79 10.45
N TRP B 175 15.13 7.79 9.12
CA TRP B 175 16.30 7.51 8.30
C TRP B 175 17.32 8.63 8.54
N PRO B 176 18.64 8.35 8.37
CA PRO B 176 19.66 9.38 8.63
C PRO B 176 19.54 10.55 7.65
N ILE B 177 19.95 11.74 8.11
CA ILE B 177 19.83 13.01 7.39
C ILE B 177 20.44 12.98 5.99
N SER B 178 21.45 12.13 5.79
CA SER B 178 22.10 12.00 4.49
C SER B 178 21.18 11.46 3.39
N THR B 179 20.04 10.86 3.81
CA THR B 179 19.06 10.31 2.90
C THR B 179 17.86 11.21 2.67
N LYS B 180 17.84 12.37 3.33
CA LYS B 180 16.68 13.25 3.32
C LYS B 180 16.27 13.61 1.89
N GLU B 181 17.25 13.86 1.03
CA GLU B 181 17.04 14.26 -0.35
C GLU B 181 17.19 13.13 -1.35
N GLY B 182 17.33 11.90 -0.85
CA GLY B 182 17.42 10.71 -1.68
C GLY B 182 16.05 10.13 -2.00
N LEU B 183 16.02 8.99 -2.68
CA LEU B 183 14.78 8.30 -3.06
C LEU B 183 13.84 9.27 -3.76
N PRO B 184 14.28 9.88 -4.88
CA PRO B 184 13.53 10.94 -5.55
C PRO B 184 12.42 10.38 -6.46
N ILE B 185 11.47 9.65 -5.85
CA ILE B 185 10.42 8.92 -6.55
C ILE B 185 9.09 9.69 -6.70
N GLN B 186 9.08 10.95 -6.24
CA GLN B 186 7.87 11.77 -6.15
C GLN B 186 7.06 11.87 -7.44
N GLY B 187 7.75 12.01 -8.58
CA GLY B 187 7.12 12.18 -9.87
C GLY B 187 6.90 10.86 -10.59
N TRP B 188 7.28 9.75 -9.94
CA TRP B 188 7.24 8.42 -10.54
C TRP B 188 6.32 7.48 -9.74
N LEU B 189 6.73 7.13 -8.52
CA LEU B 189 5.93 6.33 -7.60
C LEU B 189 5.10 7.18 -6.62
N GLY B 190 5.50 8.43 -6.41
CA GLY B 190 4.69 9.41 -5.72
C GLY B 190 5.04 9.68 -4.27
N THR B 191 4.40 10.70 -3.70
CA THR B 191 4.69 11.16 -2.35
C THR B 191 4.21 10.21 -1.26
N LYS B 192 3.04 9.59 -1.46
CA LYS B 192 2.53 8.61 -0.51
C LYS B 192 3.41 7.35 -0.44
N VAL B 193 3.83 6.83 -1.58
CA VAL B 193 4.77 5.71 -1.60
C VAL B 193 6.07 6.05 -0.86
N ARG B 194 6.65 7.22 -1.17
CA ARG B 194 7.92 7.69 -0.53
C ARG B 194 7.74 7.82 0.99
N THR B 195 6.68 8.49 1.45
CA THR B 195 6.47 8.67 2.87
C THR B 195 6.35 7.32 3.59
N ASN B 196 5.60 6.38 2.97
CA ASN B 196 5.42 5.05 3.55
C ASN B 196 6.71 4.27 3.58
N LEU B 197 7.43 4.27 2.46
CA LEU B 197 8.74 3.62 2.41
C LEU B 197 9.69 4.12 3.52
N ARG B 198 9.68 5.44 3.78
CA ARG B 198 10.61 6.08 4.73
C ARG B 198 10.13 5.85 6.18
N ARG B 199 8.92 5.31 6.35
CA ARG B 199 8.38 4.86 7.66
C ARG B 199 8.83 3.44 7.98
N GLU B 200 9.30 2.67 6.98
CA GLU B 200 9.89 1.37 7.24
C GLU B 200 11.21 1.57 7.97
N PRO B 201 11.74 0.54 8.66
CA PRO B 201 13.06 0.63 9.27
C PRO B 201 14.18 0.78 8.23
N PHE B 202 15.35 1.26 8.67
CA PHE B 202 16.55 1.25 7.86
C PHE B 202 17.51 0.22 8.46
N TYR B 203 18.53 -0.16 7.68
CA TYR B 203 19.44 -1.30 8.00
C TYR B 203 20.90 -0.86 7.89
N LEU B 204 21.75 -1.46 8.72
CA LEU B 204 23.17 -1.23 8.72
C LEU B 204 23.84 -2.59 8.60
N VAL B 205 24.68 -2.75 7.57
CA VAL B 205 25.43 -3.96 7.37
C VAL B 205 26.91 -3.68 7.67
N PRO B 206 27.67 -4.67 8.15
CA PRO B 206 29.06 -4.46 8.54
C PRO B 206 29.95 -4.50 7.29
N LYS B 207 29.82 -3.51 6.42
CA LYS B 207 30.71 -3.36 5.30
C LYS B 207 31.65 -2.34 5.87
N ASN B 208 32.88 -2.77 6.08
CA ASN B 208 33.91 -1.89 6.61
C ASN B 208 34.30 -0.88 5.53
N ALA B 209 34.70 0.31 5.97
CA ALA B 209 35.24 1.36 5.10
C ALA B 209 36.75 1.47 5.34
N GLN B 216 37.47 1.91 10.61
CA GLN B 216 37.43 0.93 9.53
C GLN B 216 36.68 -0.33 9.95
N GLY B 217 37.14 -0.96 11.03
CA GLY B 217 36.57 -2.21 11.54
C GLY B 217 35.30 -2.04 12.37
N GLU B 218 34.98 -0.79 12.73
CA GLU B 218 33.79 -0.47 13.50
C GLU B 218 32.71 0.25 12.67
N THR B 219 32.99 0.43 11.37
CA THR B 219 32.10 1.11 10.47
C THR B 219 31.04 0.15 9.93
N TRP B 220 29.80 0.65 9.82
CA TRP B 220 28.71 -0.06 9.17
C TRP B 220 28.28 0.80 7.99
N ARG B 221 27.62 0.16 7.02
CA ARG B 221 27.09 0.81 5.79
C ARG B 221 25.57 0.67 5.76
N LEU B 222 24.87 1.72 5.33
CA LEU B 222 23.42 1.67 5.16
C LEU B 222 23.05 0.70 4.04
N SER B 223 21.92 0.01 4.23
CA SER B 223 21.38 -0.91 3.23
C SER B 223 19.90 -0.64 3.08
N PHE B 224 19.47 -0.50 1.83
CA PHE B 224 18.08 -0.28 1.45
C PHE B 224 17.58 -1.38 0.52
N SER B 225 18.14 -2.59 0.67
CA SER B 225 17.73 -3.76 -0.10
C SER B 225 16.25 -4.02 0.00
N HIS B 226 15.66 -3.75 1.17
CA HIS B 226 14.23 -3.95 1.39
C HIS B 226 13.40 -2.98 0.54
N THR B 227 13.88 -1.73 0.45
CA THR B 227 13.24 -0.70 -0.34
C THR B 227 13.40 -0.96 -1.86
N GLU B 228 14.61 -1.37 -2.25
CA GLU B 228 14.91 -1.72 -3.62
C GLU B 228 14.03 -2.86 -4.12
N LYS B 229 13.78 -3.84 -3.25
CA LYS B 229 12.90 -4.96 -3.51
C LYS B 229 11.48 -4.51 -3.79
N TYR B 230 10.93 -3.66 -2.91
CA TYR B 230 9.58 -3.07 -3.10
C TYR B 230 9.53 -2.34 -4.45
N ILE B 231 10.54 -1.53 -4.77
CA ILE B 231 10.56 -0.78 -6.02
C ILE B 231 10.54 -1.68 -7.24
N LEU B 232 11.42 -2.71 -7.25
CA LEU B 232 11.49 -3.64 -8.36
C LEU B 232 10.15 -4.30 -8.62
N ASN B 233 9.42 -4.64 -7.54
CA ASN B 233 8.12 -5.30 -7.65
C ASN B 233 6.91 -4.37 -7.64
N ASN B 234 7.16 -3.06 -7.59
CA ASN B 234 6.15 -2.00 -7.66
C ASN B 234 6.69 -0.79 -8.41
N HIS B 235 7.01 -1.00 -9.70
CA HIS B 235 7.94 -0.16 -10.46
C HIS B 235 7.29 0.79 -11.45
N GLY B 236 5.96 0.71 -11.60
CA GLY B 236 5.24 1.52 -12.57
C GLY B 236 4.63 2.78 -11.98
N ILE B 237 4.37 3.77 -12.84
CA ILE B 237 3.56 4.93 -12.46
C ILE B 237 2.08 4.52 -12.36
N GLU B 238 1.65 3.59 -13.23
CA GLU B 238 0.34 2.94 -13.10
C GLU B 238 0.43 1.75 -12.17
N LYS B 239 -0.59 1.62 -11.30
CA LYS B 239 -0.65 0.55 -10.31
C LYS B 239 -0.72 -0.83 -10.93
N THR B 240 -1.20 -0.89 -12.17
CA THR B 240 -1.37 -2.13 -12.88
C THR B 240 -0.19 -2.53 -13.75
N CYS B 241 0.91 -1.76 -13.75
CA CYS B 241 2.07 -2.10 -14.58
C CYS B 241 2.47 -3.54 -14.28
N CYS B 242 2.50 -4.38 -15.31
CA CYS B 242 2.99 -5.77 -15.21
C CYS B 242 2.11 -6.73 -14.40
N GLU B 243 0.89 -6.29 -14.06
CA GLU B 243 -0.11 -7.14 -13.41
C GLU B 243 -0.95 -7.84 -14.48
N SER B 244 -1.72 -8.84 -14.09
CA SER B 244 -2.53 -9.62 -15.03
C SER B 244 -3.65 -8.81 -15.77
N SER B 245 -4.10 -7.69 -15.19
CA SER B 245 -5.06 -6.77 -15.84
C SER B 245 -4.42 -5.41 -16.14
N GLY B 246 -3.10 -5.42 -16.31
CA GLY B 246 -2.34 -4.27 -16.73
C GLY B 246 -1.57 -4.55 -18.01
N ALA B 247 -0.75 -3.58 -18.41
CA ALA B 247 0.14 -3.71 -19.54
C ALA B 247 1.53 -4.00 -19.01
N LYS B 248 2.23 -4.90 -19.71
CA LYS B 248 3.59 -5.26 -19.45
C LYS B 248 4.49 -4.09 -19.88
N CYS B 249 5.55 -3.83 -19.11
CA CYS B 249 6.61 -2.89 -19.49
C CYS B 249 7.88 -3.69 -19.69
N CYS B 250 8.95 -3.02 -20.14
CA CYS B 250 10.24 -3.68 -20.38
C CYS B 250 11.33 -3.16 -19.45
N ARG B 251 10.92 -2.57 -18.32
CA ARG B 251 11.84 -2.03 -17.29
C ARG B 251 12.78 -3.13 -16.80
N LYS B 252 12.25 -4.28 -16.37
CA LYS B 252 13.07 -5.36 -15.82
C LYS B 252 13.95 -6.01 -16.86
N GLU B 253 13.42 -6.10 -18.08
CA GLU B 253 14.13 -6.65 -19.23
C GLU B 253 15.38 -5.83 -19.59
N CYS B 254 15.27 -4.50 -19.48
CA CYS B 254 16.41 -3.60 -19.66
C CYS B 254 17.45 -3.80 -18.59
N LEU B 255 17.00 -3.96 -17.34
CA LEU B 255 17.91 -4.22 -16.24
C LEU B 255 18.69 -5.49 -16.55
N LYS B 256 17.98 -6.56 -16.92
CA LYS B 256 18.59 -7.86 -17.23
C LYS B 256 19.67 -7.72 -18.31
N LEU B 257 19.34 -7.01 -19.38
CA LEU B 257 20.24 -6.81 -20.52
C LEU B 257 21.50 -6.05 -20.14
N MET B 258 21.35 -4.98 -19.35
CA MET B 258 22.47 -4.18 -18.89
C MET B 258 23.36 -5.01 -17.96
N LYS B 259 22.72 -5.78 -17.07
CA LYS B 259 23.41 -6.68 -16.17
C LYS B 259 24.25 -7.73 -16.89
N TYR B 260 23.69 -8.30 -17.95
CA TYR B 260 24.35 -9.33 -18.79
C TYR B 260 25.56 -8.71 -19.50
N LEU B 261 25.39 -7.52 -20.10
CA LEU B 261 26.47 -6.84 -20.76
C LEU B 261 27.66 -6.69 -19.81
N LEU B 262 27.38 -6.28 -18.57
CA LEU B 262 28.43 -6.09 -17.57
C LEU B 262 29.09 -7.42 -17.16
N GLU B 263 28.29 -8.43 -16.81
CA GLU B 263 28.80 -9.78 -16.48
C GLU B 263 29.71 -10.35 -17.58
N GLN B 264 29.25 -10.27 -18.83
CA GLN B 264 29.99 -10.78 -19.98
C GLN B 264 31.33 -10.09 -20.13
N LEU B 265 31.33 -8.76 -19.98
CA LEU B 265 32.55 -7.95 -20.05
C LEU B 265 33.47 -8.28 -18.89
N LYS B 266 32.89 -8.43 -17.70
CA LYS B 266 33.63 -8.68 -16.47
C LYS B 266 34.35 -10.03 -16.49
N LYS B 267 33.72 -11.06 -17.08
CA LYS B 267 34.32 -12.39 -17.23
C LYS B 267 35.53 -12.40 -18.19
N GLU B 268 35.55 -11.42 -19.11
CA GLU B 268 36.54 -11.34 -20.15
C GLU B 268 37.70 -10.40 -19.82
N PHE B 269 37.39 -9.31 -19.11
CA PHE B 269 38.39 -8.29 -18.77
C PHE B 269 38.48 -8.07 -17.26
N GLN B 270 39.66 -8.27 -16.68
CA GLN B 270 39.86 -8.06 -15.25
C GLN B 270 40.14 -6.58 -14.92
N GLU B 271 40.35 -5.77 -15.96
CA GLU B 271 40.32 -4.31 -15.87
C GLU B 271 39.02 -3.80 -15.24
N LEU B 272 37.95 -4.61 -15.33
CA LEU B 272 36.62 -4.25 -14.84
C LEU B 272 36.24 -4.84 -13.47
N ASP B 273 37.25 -5.24 -12.69
CA ASP B 273 37.01 -5.85 -11.37
C ASP B 273 36.26 -4.94 -10.40
N ALA B 274 36.55 -3.63 -10.45
CA ALA B 274 35.93 -2.64 -9.57
C ALA B 274 34.43 -2.41 -9.79
N PHE B 275 33.94 -2.74 -11.00
CA PHE B 275 32.53 -2.61 -11.35
C PHE B 275 31.68 -3.80 -10.90
N CYS B 276 30.38 -3.56 -10.71
CA CYS B 276 29.45 -4.54 -10.16
C CYS B 276 28.03 -4.27 -10.63
N SER B 277 27.14 -5.25 -10.44
CA SER B 277 25.76 -5.12 -10.87
C SER B 277 25.03 -3.98 -10.13
N TYR B 278 25.48 -3.64 -8.91
CA TYR B 278 24.83 -2.57 -8.11
C TYR B 278 24.97 -1.22 -8.84
N HIS B 279 26.05 -1.05 -9.60
CA HIS B 279 26.24 0.14 -10.41
C HIS B 279 25.15 0.23 -11.47
N VAL B 280 24.89 -0.89 -12.13
CA VAL B 280 23.84 -1.00 -13.14
C VAL B 280 22.45 -0.75 -12.55
N LYS B 281 22.20 -1.32 -11.36
CA LYS B 281 20.92 -1.20 -10.65
C LYS B 281 20.65 0.27 -10.28
N THR B 282 21.68 0.92 -9.75
CA THR B 282 21.62 2.34 -9.38
C THR B 282 21.37 3.24 -10.59
N ALA B 283 22.11 3.02 -11.68
CA ALA B 283 21.89 3.76 -12.92
C ALA B 283 20.45 3.65 -13.40
N ILE B 284 19.91 2.44 -13.46
CA ILE B 284 18.57 2.22 -13.98
C ILE B 284 17.50 2.82 -13.06
N PHE B 285 17.78 2.88 -11.76
CA PHE B 285 16.90 3.56 -10.82
C PHE B 285 16.76 5.04 -11.19
N HIS B 286 17.88 5.67 -11.55
CA HIS B 286 17.90 7.07 -11.98
C HIS B 286 17.15 7.25 -13.31
N MET B 287 17.34 6.32 -14.25
CA MET B 287 16.65 6.34 -15.54
C MET B 287 15.15 6.19 -15.35
N TRP B 288 14.74 5.25 -14.48
CA TRP B 288 13.33 5.07 -14.16
C TRP B 288 12.68 6.32 -13.58
N THR B 289 13.48 7.13 -12.85
CA THR B 289 13.02 8.39 -12.29
C THR B 289 12.90 9.44 -13.38
N GLN B 290 13.91 9.49 -14.24
CA GLN B 290 14.00 10.41 -15.35
C GLN B 290 12.89 10.18 -16.41
N ASP B 291 12.56 8.91 -16.65
CA ASP B 291 11.51 8.52 -17.60
C ASP B 291 10.44 7.75 -16.83
N PRO B 292 9.56 8.44 -16.07
CA PRO B 292 8.61 7.78 -15.18
C PRO B 292 7.44 7.08 -15.86
N GLN B 293 7.04 7.50 -17.08
CA GLN B 293 5.86 6.95 -17.76
C GLN B 293 6.04 5.51 -18.16
N ASP B 294 5.02 4.68 -17.92
CA ASP B 294 5.07 3.26 -18.31
C ASP B 294 5.21 3.11 -19.82
N SER B 295 4.63 4.07 -20.56
CA SER B 295 4.63 4.08 -22.02
C SER B 295 6.02 4.40 -22.58
N GLN B 296 6.89 5.01 -21.76
CA GLN B 296 8.31 5.18 -22.11
C GLN B 296 9.11 3.89 -21.94
N TRP B 297 8.44 2.83 -21.46
CA TRP B 297 9.03 1.50 -21.32
C TRP B 297 8.13 0.43 -21.92
N ASP B 298 7.57 0.73 -23.09
CA ASP B 298 6.76 -0.21 -23.86
C ASP B 298 7.66 -1.33 -24.36
N PRO B 299 7.23 -2.62 -24.26
CA PRO B 299 7.98 -3.74 -24.81
C PRO B 299 8.39 -3.56 -26.28
N ARG B 300 7.54 -2.93 -27.09
CA ARG B 300 7.80 -2.64 -28.53
C ARG B 300 9.06 -1.77 -28.68
N ASN B 301 9.40 -0.97 -27.66
CA ASN B 301 10.56 -0.09 -27.69
C ASN B 301 11.76 -0.56 -26.85
N LEU B 302 11.90 -1.88 -26.69
CA LEU B 302 12.99 -2.48 -25.95
C LEU B 302 14.37 -1.96 -26.39
N SER B 303 14.60 -1.89 -27.70
CA SER B 303 15.87 -1.43 -28.26
C SER B 303 16.20 0.02 -27.88
N SER B 304 15.23 0.92 -28.08
CA SER B 304 15.42 2.32 -27.72
C SER B 304 15.71 2.42 -26.22
N CYS B 305 14.89 1.72 -25.42
CA CYS B 305 15.01 1.75 -23.96
C CYS B 305 16.39 1.27 -23.48
N PHE B 306 16.84 0.14 -24.03
CA PHE B 306 18.15 -0.39 -23.71
C PHE B 306 19.22 0.59 -24.13
N ASP B 307 19.08 1.13 -25.35
CA ASP B 307 20.02 2.09 -25.88
C ASP B 307 20.16 3.38 -25.04
N LYS B 308 19.03 3.91 -24.58
CA LYS B 308 19.06 5.13 -23.76
C LYS B 308 19.69 4.85 -22.37
N LEU B 309 19.48 3.63 -21.86
CA LEU B 309 20.14 3.19 -20.63
C LEU B 309 21.66 3.14 -20.78
N LEU B 310 22.13 2.59 -21.91
CA LEU B 310 23.56 2.56 -22.22
C LEU B 310 24.12 3.97 -22.34
N ALA B 311 23.36 4.84 -23.01
CA ALA B 311 23.74 6.24 -23.19
C ALA B 311 23.89 6.92 -21.83
N PHE B 312 22.94 6.67 -20.93
CA PHE B 312 22.98 7.25 -19.59
C PHE B 312 24.18 6.78 -18.75
N PHE B 313 24.44 5.48 -18.82
CA PHE B 313 25.55 4.86 -18.11
C PHE B 313 26.92 5.41 -18.58
N LEU B 314 27.04 5.66 -19.90
CA LEU B 314 28.24 6.24 -20.49
C LEU B 314 28.49 7.66 -20.00
N GLU B 315 27.39 8.40 -19.75
CA GLU B 315 27.47 9.77 -19.26
C GLU B 315 27.93 9.77 -17.82
N CYS B 316 27.41 8.83 -17.03
CA CYS B 316 27.89 8.58 -15.68
C CYS B 316 29.41 8.30 -15.65
N LEU B 317 29.88 7.47 -16.58
CA LEU B 317 31.29 7.16 -16.69
C LEU B 317 32.13 8.36 -17.14
N ARG B 318 31.65 9.10 -18.14
CA ARG B 318 32.35 10.28 -18.72
C ARG B 318 32.51 11.34 -17.61
N THR B 319 31.43 11.66 -16.90
CA THR B 319 31.43 12.68 -15.86
C THR B 319 31.91 12.18 -14.49
N GLU B 320 32.27 10.89 -14.40
CA GLU B 320 32.74 10.25 -13.16
C GLU B 320 31.74 10.43 -12.01
N LYS B 321 30.46 10.21 -12.32
CA LYS B 321 29.37 10.54 -11.41
C LYS B 321 28.19 9.59 -11.56
N LEU B 322 27.95 8.81 -10.49
CA LEU B 322 26.80 7.92 -10.36
C LEU B 322 26.40 7.91 -8.89
N ASP B 323 25.51 8.82 -8.50
CA ASP B 323 25.11 9.00 -7.11
C ASP B 323 24.29 7.80 -6.65
N HIS B 324 24.56 7.35 -5.43
CA HIS B 324 23.71 6.38 -4.74
C HIS B 324 22.29 6.95 -4.77
N TYR B 325 21.30 6.10 -5.02
CA TYR B 325 19.88 6.50 -5.23
C TYR B 325 19.27 6.98 -3.92
N PHE B 326 19.75 6.47 -2.80
CA PHE B 326 19.25 6.77 -1.46
C PHE B 326 20.09 7.80 -0.73
N ILE B 327 21.35 7.97 -1.16
CA ILE B 327 22.31 8.81 -0.47
C ILE B 327 23.00 9.69 -1.50
N PRO B 328 22.36 10.82 -1.91
CA PRO B 328 22.77 11.58 -3.08
C PRO B 328 24.24 12.02 -3.12
N LYS B 329 24.87 12.26 -1.98
CA LYS B 329 26.25 12.76 -1.93
C LYS B 329 27.34 11.69 -2.03
N PHE B 330 26.92 10.41 -1.98
CA PHE B 330 27.83 9.27 -2.10
C PHE B 330 27.92 8.88 -3.57
N ASN B 331 29.02 9.30 -4.21
CA ASN B 331 29.28 9.05 -5.61
C ASN B 331 30.00 7.73 -5.78
N LEU B 332 29.31 6.72 -6.32
CA LEU B 332 29.87 5.39 -6.52
C LEU B 332 30.98 5.35 -7.58
N PHE B 333 31.07 6.39 -8.42
CA PHE B 333 32.10 6.52 -9.46
C PHE B 333 33.14 7.60 -9.12
N SER B 334 33.35 7.85 -7.83
CA SER B 334 34.37 8.80 -7.39
C SER B 334 35.73 8.22 -7.73
N GLN B 335 36.69 9.12 -8.03
CA GLN B 335 38.08 8.72 -8.25
C GLN B 335 38.58 7.82 -7.14
N GLU B 336 38.21 8.16 -5.90
CA GLU B 336 38.59 7.43 -4.69
C GLU B 336 38.17 5.96 -4.68
N LEU B 337 37.09 5.63 -5.42
CA LEU B 337 36.53 4.27 -5.46
C LEU B 337 36.92 3.49 -6.73
N ILE B 338 36.86 4.18 -7.88
CA ILE B 338 37.20 3.59 -9.17
C ILE B 338 38.09 4.54 -9.95
N ASP B 339 39.21 4.01 -10.43
CA ASP B 339 40.19 4.77 -11.19
C ASP B 339 39.61 5.26 -12.51
N ARG B 340 39.97 6.49 -12.89
CA ARG B 340 39.57 7.15 -14.16
C ARG B 340 39.82 6.20 -15.33
N LYS B 341 40.94 5.47 -15.29
CA LYS B 341 41.35 4.56 -16.34
C LYS B 341 40.38 3.38 -16.47
N SER B 342 39.94 2.83 -15.34
CA SER B 342 38.92 1.78 -15.33
C SER B 342 37.63 2.23 -16.01
N LYS B 343 37.22 3.46 -15.74
CA LYS B 343 36.00 4.04 -16.30
C LYS B 343 36.11 4.29 -17.80
N GLU B 344 37.28 4.75 -18.23
CA GLU B 344 37.56 4.97 -19.65
C GLU B 344 37.65 3.66 -20.42
N PHE B 345 38.17 2.63 -19.75
CA PHE B 345 38.24 1.29 -20.33
C PHE B 345 36.83 0.73 -20.58
N LEU B 346 35.96 0.84 -19.57
CA LEU B 346 34.59 0.36 -19.67
C LEU B 346 33.77 1.13 -20.72
N SER B 347 34.06 2.43 -20.87
CA SER B 347 33.40 3.28 -21.84
C SER B 347 33.67 2.83 -23.26
N LYS B 348 34.95 2.60 -23.57
CA LYS B 348 35.37 2.11 -24.88
C LYS B 348 34.75 0.74 -25.19
N LYS B 349 34.69 -0.13 -24.19
CA LYS B 349 34.13 -1.47 -24.36
C LYS B 349 32.62 -1.45 -24.60
N ILE B 350 31.89 -0.61 -23.85
CA ILE B 350 30.46 -0.44 -24.02
C ILE B 350 30.14 0.20 -25.38
N GLU B 351 30.82 1.31 -25.71
CA GLU B 351 30.69 1.99 -27.00
C GLU B 351 30.87 1.06 -28.20
N TYR B 352 31.86 0.16 -28.10
CA TYR B 352 32.18 -0.85 -29.15
C TYR B 352 31.01 -1.81 -29.35
N GLU B 353 30.57 -2.47 -28.29
CA GLU B 353 29.45 -3.42 -28.33
C GLU B 353 28.18 -2.77 -28.93
N ARG B 354 27.88 -1.55 -28.48
CA ARG B 354 26.72 -0.72 -28.92
C ARG B 354 26.77 -0.52 -30.44
N ASN B 355 27.95 -0.22 -30.99
CA ASN B 355 28.12 0.14 -32.40
C ASN B 355 28.44 -1.02 -33.34
N ASN B 356 28.46 -2.25 -32.81
CA ASN B 356 28.72 -3.44 -33.61
C ASN B 356 27.74 -4.58 -33.38
N GLY B 357 26.55 -4.25 -32.86
CA GLY B 357 25.45 -5.19 -32.69
C GLY B 357 25.62 -6.14 -31.54
N PHE B 358 26.32 -5.68 -30.50
CA PHE B 358 26.55 -6.46 -29.28
C PHE B 358 27.05 -7.87 -29.60
N PRO B 359 28.25 -8.01 -30.20
CA PRO B 359 28.84 -9.33 -30.45
C PRO B 359 28.98 -10.20 -29.20
N ILE B 360 29.18 -9.58 -28.03
CA ILE B 360 29.40 -10.29 -26.77
C ILE B 360 28.18 -11.04 -26.26
N PHE B 361 27.00 -10.71 -26.79
CA PHE B 361 25.77 -11.42 -26.47
C PHE B 361 25.73 -12.82 -27.08
N ASP B 362 26.55 -13.05 -28.12
CA ASP B 362 26.59 -14.34 -28.83
C ASP B 362 27.58 -15.37 -28.25
N LYS B 363 28.33 -14.99 -27.21
CA LYS B 363 29.32 -15.86 -26.56
C LYS B 363 28.70 -16.91 -25.65
#